data_6JNO
#
_entry.id   6JNO
#
_cell.length_a   46.615
_cell.length_b   99.386
_cell.length_c   110.158
_cell.angle_alpha   90.00
_cell.angle_beta   99.42
_cell.angle_gamma   90.00
#
_symmetry.space_group_name_H-M   'P 1 21 1'
#
loop_
_entity.id
_entity.type
_entity.pdbx_description
1 polymer 'Retinoic acid receptor RXR-alpha'
2 non-polymer '7-oxidanyl-2-oxidanylidene-6-(3,5,5,8,8-pentamethyl-6,7-dihydronaphthalen-2-yl)chromene-3-carboxylic acid'
3 water water
#
_entity_poly.entity_id   1
_entity_poly.type   'polypeptide(L)'
_entity_poly.pdbx_seq_one_letter_code
;GSSHSSANEDMPVERILEAELAVEPKTETYVEANMGLNPSSPNDPVTNICQAADKQLFTLVEWAKRIPHFSELPLDDQVI
LLRAGWNELLIASFSHRSIAVKDGILLATGLHVHRNSAHSAGVGAIFDRVLTELVSKMRDMQMDKTELGCLRAIVLFNPD
SKGLSNPAEVEALREKVYASLEAYCKHKYPEQPGRFAKLLLRLPALRSIGLKCLEHLFFFKLIGDTPIDTFLMEMLEAPH
QMT
;
_entity_poly.pdbx_strand_id   A,B,C,D
#
# COMPACT_ATOMS: atom_id res chain seq x y z
N PRO A 45 22.76 -19.31 -2.86
CA PRO A 45 21.53 -18.83 -3.51
C PRO A 45 21.16 -17.40 -3.12
N VAL A 46 21.29 -17.04 -1.84
CA VAL A 46 21.04 -15.65 -1.35
C VAL A 46 22.19 -14.75 -1.83
N THR A 47 23.43 -15.23 -1.71
CA THR A 47 24.65 -14.50 -2.12
C THR A 47 24.60 -14.25 -3.64
N ASN A 48 24.01 -15.18 -4.40
CA ASN A 48 23.83 -15.10 -5.87
C ASN A 48 22.92 -13.91 -6.22
N ILE A 49 21.75 -13.87 -5.58
CA ILE A 49 20.72 -12.80 -5.76
C ILE A 49 21.40 -11.45 -5.54
N CYS A 50 22.16 -11.29 -4.46
CA CYS A 50 22.74 -10.00 -4.03
C CYS A 50 23.81 -9.57 -5.02
N GLN A 51 24.60 -10.54 -5.51
CA GLN A 51 25.63 -10.30 -6.56
C GLN A 51 24.91 -9.88 -7.85
N ALA A 52 23.91 -10.66 -8.26
CA ALA A 52 23.12 -10.44 -9.49
C ALA A 52 22.54 -9.03 -9.47
N ALA A 53 22.00 -8.58 -8.34
CA ALA A 53 21.45 -7.22 -8.14
C ALA A 53 22.55 -6.17 -8.44
N ASP A 54 23.68 -6.28 -7.74
CA ASP A 54 24.88 -5.43 -7.89
C ASP A 54 25.29 -5.34 -9.36
N LYS A 55 25.36 -6.48 -10.06
CA LYS A 55 25.74 -6.59 -11.49
C LYS A 55 24.70 -5.86 -12.36
N GLN A 56 23.41 -6.07 -12.07
CA GLN A 56 22.25 -5.46 -12.79
C GLN A 56 22.30 -3.92 -12.66
N LEU A 57 22.48 -3.43 -11.44
CA LEU A 57 22.60 -1.98 -11.13
C LEU A 57 23.75 -1.38 -11.96
N PHE A 58 24.88 -2.10 -12.04
CA PHE A 58 26.13 -1.66 -12.73
C PHE A 58 25.87 -1.55 -14.24
N THR A 59 25.40 -2.65 -14.83
CA THR A 59 24.87 -2.74 -16.22
C THR A 59 23.95 -1.53 -16.48
N LEU A 60 23.09 -1.22 -15.52
CA LEU A 60 22.06 -0.16 -15.66
C LEU A 60 22.74 1.20 -15.74
N VAL A 61 23.77 1.44 -14.93
CA VAL A 61 24.49 2.74 -14.88
C VAL A 61 25.32 2.90 -16.17
N GLU A 62 26.07 1.86 -16.56
CA GLU A 62 26.88 1.85 -17.81
C GLU A 62 25.98 2.22 -18.99
N TRP A 63 24.79 1.61 -19.07
CA TRP A 63 23.78 1.86 -20.14
C TRP A 63 23.39 3.34 -20.15
N ALA A 64 22.98 3.87 -19.00
CA ALA A 64 22.51 5.27 -18.85
C ALA A 64 23.60 6.24 -19.32
N LYS A 65 24.87 5.96 -18.98
CA LYS A 65 26.03 6.83 -19.29
C LYS A 65 26.21 6.93 -20.81
N ARG A 66 25.80 5.89 -21.55
CA ARG A 66 25.94 5.77 -23.02
C ARG A 66 24.72 6.38 -23.73
N ILE A 67 23.66 6.71 -23.00
CA ILE A 67 22.54 7.57 -23.51
C ILE A 67 23.08 8.99 -23.69
N PRO A 68 22.99 9.55 -24.91
CA PRO A 68 23.50 10.90 -25.17
C PRO A 68 22.94 11.91 -24.18
N HIS A 69 23.82 12.72 -23.58
CA HIS A 69 23.49 13.97 -22.85
C HIS A 69 23.13 13.65 -21.38
N PHE A 70 22.94 12.37 -21.05
CA PHE A 70 22.56 11.92 -19.68
C PHE A 70 23.65 12.38 -18.70
N SER A 71 24.92 12.13 -19.05
CA SER A 71 26.13 12.43 -18.23
C SER A 71 26.35 13.95 -18.13
N GLU A 72 25.65 14.74 -18.94
CA GLU A 72 25.75 16.23 -18.97
C GLU A 72 24.69 16.84 -18.04
N LEU A 73 23.84 16.02 -17.42
CA LEU A 73 22.90 16.44 -16.34
C LEU A 73 23.68 16.60 -15.03
N PRO A 74 23.20 17.42 -14.09
CA PRO A 74 23.72 17.39 -12.72
C PRO A 74 23.78 15.95 -12.18
N LEU A 75 24.79 15.65 -11.35
CA LEU A 75 25.01 14.30 -10.78
C LEU A 75 23.84 13.91 -9.86
N ASP A 76 23.34 14.86 -9.08
CA ASP A 76 22.19 14.66 -8.17
C ASP A 76 20.99 14.18 -8.99
N ASP A 77 20.81 14.76 -10.19
CA ASP A 77 19.64 14.52 -11.07
C ASP A 77 19.79 13.14 -11.73
N GLN A 78 21.01 12.79 -12.14
CA GLN A 78 21.34 11.46 -12.73
C GLN A 78 20.95 10.37 -11.75
N VAL A 79 21.29 10.57 -10.47
CA VAL A 79 21.02 9.59 -9.37
C VAL A 79 19.50 9.47 -9.21
N ILE A 80 18.81 10.61 -9.18
CA ILE A 80 17.33 10.65 -8.99
C ILE A 80 16.66 9.87 -10.13
N LEU A 81 17.07 10.09 -11.39
CA LEU A 81 16.45 9.44 -12.58
C LEU A 81 16.62 7.92 -12.49
N LEU A 82 17.81 7.46 -12.10
CA LEU A 82 18.14 6.01 -11.99
C LEU A 82 17.38 5.39 -10.82
N ARG A 83 17.31 6.11 -9.70
CA ARG A 83 16.58 5.63 -8.49
C ARG A 83 15.07 5.63 -8.77
N ALA A 84 14.57 6.60 -9.54
CA ALA A 84 13.14 6.72 -9.92
C ALA A 84 12.79 5.65 -10.95
N GLY A 85 13.78 5.14 -11.68
CA GLY A 85 13.59 4.48 -12.99
C GLY A 85 13.94 3.00 -12.97
N TRP A 86 14.75 2.54 -12.01
CA TRP A 86 15.43 1.22 -12.08
C TRP A 86 14.37 0.12 -12.19
N ASN A 87 13.24 0.29 -11.51
CA ASN A 87 12.16 -0.72 -11.42
C ASN A 87 11.56 -0.92 -12.83
N GLU A 88 11.10 0.15 -13.46
CA GLU A 88 10.45 0.12 -14.80
C GLU A 88 11.48 -0.29 -15.86
N LEU A 89 12.72 0.20 -15.74
CA LEU A 89 13.81 -0.08 -16.70
C LEU A 89 14.09 -1.58 -16.73
N LEU A 90 14.19 -2.21 -15.55
CA LEU A 90 14.49 -3.65 -15.38
C LEU A 90 13.35 -4.49 -15.96
N ILE A 91 12.11 -4.16 -15.59
CA ILE A 91 10.88 -4.89 -16.05
C ILE A 91 10.76 -4.80 -17.57
N ALA A 92 11.03 -3.63 -18.15
CA ALA A 92 11.04 -3.42 -19.61
C ALA A 92 12.05 -4.39 -20.26
N SER A 93 13.27 -4.47 -19.73
CA SER A 93 14.36 -5.36 -20.22
C SER A 93 13.86 -6.80 -20.26
N PHE A 94 13.42 -7.35 -19.12
CA PHE A 94 13.19 -8.80 -18.94
C PHE A 94 11.89 -9.18 -19.62
N SER A 95 10.88 -8.30 -19.59
CA SER A 95 9.63 -8.44 -20.37
C SER A 95 9.99 -8.70 -21.84
N HIS A 96 10.88 -7.89 -22.41
CA HIS A 96 11.28 -7.95 -23.83
C HIS A 96 12.09 -9.21 -24.09
N ARG A 97 13.04 -9.53 -23.20
CA ARG A 97 13.84 -10.78 -23.23
C ARG A 97 12.89 -11.98 -23.29
N SER A 98 11.73 -11.87 -22.62
CA SER A 98 10.78 -12.99 -22.39
C SER A 98 9.87 -13.22 -23.60
N ILE A 99 10.07 -12.45 -24.68
CA ILE A 99 9.39 -12.65 -26.00
C ILE A 99 9.70 -14.07 -26.50
N ALA A 100 10.91 -14.57 -26.21
CA ALA A 100 11.52 -15.79 -26.77
C ALA A 100 11.18 -16.99 -25.87
N VAL A 101 10.10 -16.89 -25.09
CA VAL A 101 9.71 -17.85 -24.02
C VAL A 101 8.19 -17.85 -23.90
N LYS A 102 7.61 -19.02 -23.59
CA LYS A 102 6.15 -19.21 -23.38
C LYS A 102 5.84 -19.22 -21.87
N ASP A 103 4.81 -18.45 -21.48
CA ASP A 103 4.25 -18.41 -20.10
C ASP A 103 5.40 -18.34 -19.09
N GLY A 104 6.43 -17.55 -19.38
CA GLY A 104 7.59 -17.37 -18.49
C GLY A 104 8.25 -16.01 -18.70
N ILE A 105 9.20 -15.67 -17.81
CA ILE A 105 10.13 -14.52 -17.98
C ILE A 105 11.58 -15.02 -17.85
N LEU A 106 12.48 -14.47 -18.66
CA LEU A 106 13.95 -14.65 -18.58
C LEU A 106 14.56 -13.47 -17.84
N LEU A 107 15.31 -13.72 -16.75
CA LEU A 107 16.08 -12.69 -16.01
C LEU A 107 17.53 -12.68 -16.52
N ALA A 108 18.18 -11.51 -16.50
CA ALA A 108 19.38 -11.20 -17.32
C ALA A 108 20.59 -12.01 -16.80
N THR A 109 20.37 -12.84 -15.77
CA THR A 109 21.34 -13.84 -15.25
C THR A 109 21.31 -15.10 -16.12
N GLY A 110 20.14 -15.45 -16.65
CA GLY A 110 19.88 -16.71 -17.38
C GLY A 110 18.67 -17.45 -16.84
N LEU A 111 18.12 -17.00 -15.71
CA LEU A 111 17.22 -17.78 -14.80
C LEU A 111 15.77 -17.71 -15.31
N HIS A 112 15.33 -18.73 -16.05
CA HIS A 112 13.94 -18.86 -16.56
C HIS A 112 12.99 -19.17 -15.39
N VAL A 113 11.90 -18.40 -15.27
CA VAL A 113 10.85 -18.55 -14.21
C VAL A 113 9.48 -18.72 -14.90
N HIS A 114 8.88 -19.90 -14.79
CA HIS A 114 7.55 -20.22 -15.38
C HIS A 114 6.45 -19.73 -14.43
N ARG A 115 5.25 -19.48 -14.95
CA ARG A 115 4.14 -18.82 -14.22
C ARG A 115 3.60 -19.77 -13.14
N ASN A 116 3.80 -21.09 -13.30
CA ASN A 116 3.47 -22.11 -12.27
C ASN A 116 4.21 -21.78 -10.97
N SER A 117 5.52 -21.50 -11.07
CA SER A 117 6.39 -21.11 -9.93
C SER A 117 5.91 -19.79 -9.33
N ALA A 118 5.51 -18.84 -10.17
CA ALA A 118 5.08 -17.48 -9.78
C ALA A 118 3.79 -17.57 -8.96
N HIS A 119 2.83 -18.36 -9.43
CA HIS A 119 1.52 -18.60 -8.75
C HIS A 119 1.76 -19.36 -7.43
N SER A 120 2.79 -20.21 -7.39
CA SER A 120 3.19 -21.00 -6.19
C SER A 120 3.81 -20.10 -5.11
N ALA A 121 4.44 -19.00 -5.52
CA ALA A 121 5.11 -18.03 -4.62
C ALA A 121 4.15 -16.88 -4.26
N GLY A 122 2.88 -17.01 -4.67
CA GLY A 122 1.78 -16.12 -4.26
C GLY A 122 1.86 -14.76 -4.95
N VAL A 123 2.45 -14.72 -6.15
CA VAL A 123 2.57 -13.49 -6.99
C VAL A 123 2.10 -13.84 -8.41
N GLY A 124 1.09 -14.71 -8.52
CA GLY A 124 0.51 -15.15 -9.80
C GLY A 124 -0.11 -14.00 -10.57
N ALA A 125 -0.92 -13.17 -9.89
CA ALA A 125 -1.63 -12.02 -10.48
C ALA A 125 -0.63 -11.12 -11.21
N ILE A 126 0.42 -10.68 -10.51
CA ILE A 126 1.40 -9.67 -11.01
C ILE A 126 2.15 -10.26 -12.21
N PHE A 127 2.52 -11.54 -12.12
CA PHE A 127 3.25 -12.29 -13.18
C PHE A 127 2.42 -12.33 -14.47
N ASP A 128 1.12 -12.61 -14.34
CA ASP A 128 0.17 -12.74 -15.48
C ASP A 128 0.02 -11.37 -16.16
N ARG A 129 0.01 -10.28 -15.39
CA ARG A 129 -0.03 -8.89 -15.90
C ARG A 129 1.23 -8.60 -16.73
N VAL A 130 2.42 -8.96 -16.22
CA VAL A 130 3.69 -8.84 -16.98
C VAL A 130 3.53 -9.53 -18.33
N LEU A 131 2.93 -10.74 -18.34
CA LEU A 131 2.81 -11.60 -19.54
C LEU A 131 1.82 -10.97 -20.53
N THR A 132 0.63 -10.60 -20.06
CA THR A 132 -0.52 -10.15 -20.89
C THR A 132 -0.26 -8.72 -21.37
N GLU A 133 0.14 -7.82 -20.45
CA GLU A 133 0.17 -6.35 -20.67
C GLU A 133 1.49 -5.95 -21.33
N LEU A 134 2.58 -6.67 -21.07
CA LEU A 134 3.92 -6.30 -21.61
C LEU A 134 4.39 -7.35 -22.62
N VAL A 135 4.66 -8.57 -22.16
CA VAL A 135 5.45 -9.57 -22.95
C VAL A 135 4.69 -9.86 -24.26
N SER A 136 3.42 -10.22 -24.16
CA SER A 136 2.58 -10.62 -25.33
C SER A 136 2.36 -9.42 -26.25
N LYS A 137 2.15 -8.22 -25.69
CA LYS A 137 1.95 -6.98 -26.50
C LYS A 137 3.22 -6.71 -27.29
N MET A 138 4.38 -6.85 -26.66
CA MET A 138 5.71 -6.72 -27.31
C MET A 138 5.85 -7.79 -28.41
N ARG A 139 5.45 -9.03 -28.13
CA ARG A 139 5.49 -10.14 -29.12
C ARG A 139 4.57 -9.80 -30.30
N ASP A 140 3.30 -9.49 -30.02
CA ASP A 140 2.23 -9.34 -31.04
C ASP A 140 2.65 -8.30 -32.08
N MET A 141 3.33 -7.22 -31.66
CA MET A 141 3.71 -6.07 -32.53
C MET A 141 5.20 -6.18 -32.91
N GLN A 142 5.83 -7.29 -32.53
CA GLN A 142 7.28 -7.55 -32.76
C GLN A 142 8.08 -6.28 -32.45
N MET A 143 7.95 -5.75 -31.22
CA MET A 143 8.78 -4.63 -30.71
C MET A 143 10.25 -5.01 -30.83
N ASP A 144 11.04 -4.23 -31.57
CA ASP A 144 12.49 -4.51 -31.78
C ASP A 144 13.29 -3.81 -30.68
N LYS A 145 14.61 -4.01 -30.67
CA LYS A 145 15.51 -3.66 -29.54
C LYS A 145 15.79 -2.16 -29.55
N THR A 146 15.72 -1.52 -30.73
CA THR A 146 15.88 -0.04 -30.87
C THR A 146 14.69 0.62 -30.16
N GLU A 147 13.49 0.08 -30.36
CA GLU A 147 12.22 0.61 -29.84
C GLU A 147 12.19 0.44 -28.31
N LEU A 148 12.63 -0.72 -27.82
CA LEU A 148 12.82 -0.95 -26.36
C LEU A 148 13.80 0.09 -25.80
N GLY A 149 14.95 0.27 -26.46
CA GLY A 149 15.99 1.21 -26.01
C GLY A 149 15.43 2.61 -25.82
N CYS A 150 14.67 3.09 -26.80
CA CYS A 150 14.06 4.45 -26.83
C CYS A 150 13.03 4.59 -25.69
N LEU A 151 12.16 3.58 -25.49
CA LEU A 151 11.19 3.55 -24.37
C LEU A 151 11.94 3.62 -23.03
N ARG A 152 12.99 2.81 -22.87
CA ARG A 152 13.79 2.77 -21.62
C ARG A 152 14.37 4.17 -21.40
N ALA A 153 14.82 4.82 -22.49
CA ALA A 153 15.44 6.17 -22.47
C ALA A 153 14.37 7.21 -22.09
N ILE A 154 13.14 7.05 -22.57
CA ILE A 154 11.96 7.89 -22.19
C ILE A 154 11.69 7.72 -20.69
N VAL A 155 11.65 6.47 -20.23
CA VAL A 155 11.40 6.14 -18.79
C VAL A 155 12.50 6.77 -17.94
N LEU A 156 13.77 6.54 -18.30
CA LEU A 156 14.96 7.15 -17.64
C LEU A 156 14.78 8.67 -17.54
N PHE A 157 14.57 9.35 -18.67
CA PHE A 157 14.40 10.81 -18.74
C PHE A 157 12.97 11.16 -18.30
N ASN A 158 12.67 10.90 -17.01
CA ASN A 158 11.34 11.16 -16.40
C ASN A 158 11.40 12.51 -15.67
N PRO A 159 10.86 13.59 -16.27
CA PRO A 159 10.91 14.92 -15.65
C PRO A 159 9.97 15.07 -14.44
N ASP A 160 9.19 14.03 -14.13
CA ASP A 160 8.23 14.01 -13.00
C ASP A 160 8.94 13.55 -11.72
N SER A 161 10.15 12.99 -11.87
CA SER A 161 10.98 12.47 -10.76
C SER A 161 11.13 13.57 -9.71
N LYS A 162 10.93 13.22 -8.44
CA LYS A 162 10.88 14.16 -7.29
C LYS A 162 12.32 14.59 -6.97
N GLY A 163 12.54 15.90 -6.83
CA GLY A 163 13.80 16.49 -6.34
C GLY A 163 14.72 16.93 -7.46
N LEU A 164 14.34 16.68 -8.73
CA LEU A 164 15.14 17.07 -9.91
C LEU A 164 15.44 18.57 -9.82
N SER A 165 16.70 18.96 -9.96
CA SER A 165 17.17 20.37 -10.01
C SER A 165 16.63 21.06 -11.27
N ASN A 166 16.67 20.38 -12.42
CA ASN A 166 16.19 20.94 -13.72
C ASN A 166 15.34 19.93 -14.47
N PRO A 167 14.04 19.80 -14.09
CA PRO A 167 13.08 18.98 -14.84
C PRO A 167 12.97 19.38 -16.32
N ALA A 168 13.07 20.67 -16.62
CA ALA A 168 12.95 21.20 -18.01
C ALA A 168 14.01 20.55 -18.89
N GLU A 169 15.21 20.31 -18.37
CA GLU A 169 16.34 19.74 -19.17
C GLU A 169 16.06 18.26 -19.45
N VAL A 170 15.56 17.53 -18.44
CA VAL A 170 15.17 16.10 -18.53
C VAL A 170 14.04 15.96 -19.56
N GLU A 171 13.00 16.79 -19.43
CA GLU A 171 11.87 16.87 -20.40
C GLU A 171 12.43 17.06 -21.82
N ALA A 172 13.40 17.98 -21.98
CA ALA A 172 14.00 18.34 -23.28
C ALA A 172 14.69 17.12 -23.90
N LEU A 173 15.36 16.32 -23.07
CA LEU A 173 16.12 15.11 -23.52
C LEU A 173 15.12 14.02 -23.91
N ARG A 174 14.00 13.91 -23.16
CA ARG A 174 12.92 12.94 -23.45
C ARG A 174 12.27 13.28 -24.80
N GLU A 175 12.05 14.57 -25.06
CA GLU A 175 11.51 15.08 -26.35
C GLU A 175 12.43 14.63 -27.49
N LYS A 176 13.75 14.79 -27.34
CA LYS A 176 14.77 14.35 -28.33
C LYS A 176 14.60 12.85 -28.58
N VAL A 177 14.49 12.06 -27.51
CA VAL A 177 14.44 10.57 -27.58
C VAL A 177 13.18 10.16 -28.36
N TYR A 178 12.01 10.68 -28.01
CA TYR A 178 10.72 10.18 -28.57
C TYR A 178 10.52 10.77 -29.98
N ALA A 179 11.04 11.96 -30.26
CA ALA A 179 11.18 12.53 -31.62
C ALA A 179 12.01 11.57 -32.49
N SER A 180 13.10 11.06 -31.94
CA SER A 180 14.03 10.12 -32.62
C SER A 180 13.33 8.78 -32.88
N LEU A 181 12.57 8.28 -31.90
CA LEU A 181 11.79 7.01 -32.00
C LEU A 181 10.72 7.13 -33.10
N GLU A 182 9.96 8.24 -33.14
CA GLU A 182 8.93 8.50 -34.16
C GLU A 182 9.56 8.44 -35.56
N ALA A 183 10.68 9.13 -35.75
CA ALA A 183 11.52 9.06 -36.98
C ALA A 183 11.77 7.60 -37.33
N TYR A 184 12.29 6.82 -36.38
CA TYR A 184 12.67 5.41 -36.59
C TYR A 184 11.45 4.61 -37.05
N CYS A 185 10.31 4.78 -36.34
CA CYS A 185 9.05 4.01 -36.53
C CYS A 185 8.47 4.32 -37.92
N LYS A 186 8.42 5.61 -38.26
CA LYS A 186 7.81 6.12 -39.51
C LYS A 186 8.60 5.55 -40.71
N HIS A 187 9.90 5.31 -40.54
CA HIS A 187 10.82 4.93 -41.63
C HIS A 187 10.91 3.39 -41.72
N LYS A 188 11.01 2.68 -40.59
CA LYS A 188 11.17 1.20 -40.61
C LYS A 188 9.81 0.51 -40.77
N TYR A 189 8.72 1.17 -40.37
CA TYR A 189 7.35 0.59 -40.37
C TYR A 189 6.34 1.59 -40.90
N PRO A 190 6.59 2.18 -42.10
CA PRO A 190 5.69 3.20 -42.66
C PRO A 190 4.27 2.67 -42.86
N GLU A 191 4.15 1.36 -43.13
CA GLU A 191 2.87 0.62 -43.31
C GLU A 191 2.07 0.63 -42.00
N GLN A 192 2.73 0.84 -40.86
CA GLN A 192 2.12 0.81 -39.51
C GLN A 192 2.08 2.22 -38.91
N PRO A 193 1.25 3.13 -39.43
CA PRO A 193 1.32 4.54 -39.05
C PRO A 193 1.01 4.80 -37.57
N GLY A 194 0.34 3.86 -36.89
CA GLY A 194 -0.02 3.97 -35.47
C GLY A 194 1.03 3.38 -34.52
N ARG A 195 2.18 2.93 -35.04
CA ARG A 195 3.16 2.10 -34.28
C ARG A 195 3.79 2.93 -33.14
N PHE A 196 4.09 4.19 -33.40
CA PHE A 196 4.72 5.12 -32.42
C PHE A 196 3.82 5.24 -31.18
N ALA A 197 2.55 5.58 -31.36
CA ALA A 197 1.55 5.73 -30.28
C ALA A 197 1.44 4.42 -29.50
N LYS A 198 1.37 3.29 -30.20
CA LYS A 198 1.23 1.94 -29.60
C LYS A 198 2.39 1.68 -28.64
N LEU A 199 3.61 2.02 -29.06
CA LEU A 199 4.85 1.95 -28.22
C LEU A 199 4.67 2.81 -26.97
N LEU A 200 4.27 4.08 -27.14
CA LEU A 200 4.12 5.05 -26.02
C LEU A 200 3.03 4.56 -25.05
N LEU A 201 2.02 3.83 -25.55
CA LEU A 201 0.82 3.47 -24.76
C LEU A 201 1.06 2.16 -24.00
N ARG A 202 2.27 1.61 -24.06
CA ARG A 202 2.71 0.49 -23.20
C ARG A 202 3.30 1.05 -21.90
N LEU A 203 3.55 2.35 -21.84
CA LEU A 203 4.25 2.99 -20.69
C LEU A 203 3.32 3.03 -19.47
N PRO A 204 2.01 3.34 -19.63
CA PRO A 204 1.09 3.28 -18.49
C PRO A 204 1.05 1.90 -17.83
N ALA A 205 0.94 0.83 -18.62
CA ALA A 205 1.06 -0.57 -18.16
C ALA A 205 2.35 -0.75 -17.36
N LEU A 206 3.48 -0.29 -17.92
CA LEU A 206 4.82 -0.39 -17.28
C LEU A 206 4.77 0.31 -15.93
N ARG A 207 4.02 1.41 -15.82
CA ARG A 207 3.95 2.27 -14.62
C ARG A 207 3.24 1.50 -13.50
N SER A 208 2.06 0.97 -13.80
CA SER A 208 1.19 0.26 -12.82
C SER A 208 1.87 -1.05 -12.41
N ILE A 209 2.31 -1.86 -13.37
CA ILE A 209 3.10 -3.11 -13.13
C ILE A 209 4.34 -2.75 -12.31
N GLY A 210 4.98 -1.63 -12.65
CA GLY A 210 6.08 -1.05 -11.87
C GLY A 210 5.71 -1.03 -10.39
N LEU A 211 4.64 -0.30 -10.05
CA LEU A 211 4.24 -0.04 -8.65
C LEU A 211 3.81 -1.35 -7.99
N LYS A 212 3.17 -2.25 -8.75
CA LYS A 212 2.62 -3.54 -8.22
C LYS A 212 3.78 -4.48 -7.88
N CYS A 213 4.90 -4.39 -8.62
CA CYS A 213 6.11 -5.22 -8.40
C CYS A 213 6.82 -4.80 -7.10
N LEU A 214 7.00 -3.49 -6.90
CA LEU A 214 7.40 -2.89 -5.59
C LEU A 214 6.49 -3.42 -4.47
N GLU A 215 5.17 -3.20 -4.61
CA GLU A 215 4.17 -3.28 -3.52
C GLU A 215 4.05 -4.74 -3.04
N HIS A 216 4.31 -5.70 -3.93
CA HIS A 216 4.16 -7.16 -3.67
C HIS A 216 5.55 -7.77 -3.40
N LEU A 217 6.63 -6.97 -3.51
CA LEU A 217 8.05 -7.42 -3.48
C LEU A 217 8.22 -8.57 -4.50
N PHE A 218 7.92 -8.29 -5.77
CA PHE A 218 7.77 -9.30 -6.86
C PHE A 218 9.05 -10.15 -6.99
N PHE A 219 10.21 -9.48 -7.07
CA PHE A 219 11.53 -10.10 -7.37
C PHE A 219 11.90 -11.08 -6.26
N PHE A 220 11.71 -10.64 -5.00
CA PHE A 220 12.20 -11.32 -3.78
C PHE A 220 11.34 -12.55 -3.49
N LYS A 221 10.04 -12.46 -3.80
CA LYS A 221 9.09 -13.58 -3.59
C LYS A 221 9.32 -14.64 -4.66
N LEU A 222 9.73 -14.24 -5.87
CA LEU A 222 10.00 -15.16 -7.00
C LEU A 222 11.17 -16.07 -6.65
N ILE A 223 12.34 -15.48 -6.41
CA ILE A 223 13.64 -16.21 -6.33
C ILE A 223 13.96 -16.45 -4.85
N GLY A 224 13.53 -15.55 -3.96
CA GLY A 224 14.09 -15.40 -2.60
C GLY A 224 13.35 -16.23 -1.57
N ASP A 225 12.19 -16.79 -1.91
CA ASP A 225 11.29 -17.50 -0.95
C ASP A 225 12.09 -18.53 -0.14
N THR A 226 12.49 -19.64 -0.76
CA THR A 226 13.10 -20.82 -0.08
C THR A 226 14.55 -20.54 0.31
N PRO A 227 15.32 -19.81 -0.53
CA PRO A 227 16.63 -19.29 -0.11
C PRO A 227 16.62 -18.69 1.30
N ILE A 228 15.55 -17.96 1.65
CA ILE A 228 15.36 -17.35 3.01
C ILE A 228 15.16 -18.47 4.03
N ASP A 229 14.18 -19.36 3.80
CA ASP A 229 13.96 -20.57 4.64
C ASP A 229 15.30 -21.30 4.87
N THR A 230 16.08 -21.48 3.81
CA THR A 230 17.39 -22.19 3.81
C THR A 230 18.40 -21.39 4.65
N PHE A 231 18.53 -20.09 4.38
CA PHE A 231 19.28 -19.12 5.22
C PHE A 231 18.95 -19.37 6.70
N LEU A 232 17.69 -19.14 7.09
CA LEU A 232 17.25 -19.09 8.50
C LEU A 232 17.61 -20.41 9.18
N MET A 233 17.48 -21.52 8.47
CA MET A 233 17.80 -22.88 8.98
C MET A 233 19.31 -23.01 9.20
N GLU A 234 20.09 -22.54 8.22
CA GLU A 234 21.57 -22.54 8.33
C GLU A 234 21.97 -21.80 9.60
N MET A 235 21.32 -20.66 9.87
CA MET A 235 21.56 -19.81 11.07
C MET A 235 21.13 -20.58 12.32
N LEU A 236 20.05 -21.38 12.21
CA LEU A 236 19.36 -22.03 13.36
C LEU A 236 20.15 -23.26 13.81
N GLU A 237 20.86 -23.88 12.89
CA GLU A 237 21.59 -25.16 13.09
C GLU A 237 23.08 -24.88 13.30
N ALA A 238 23.53 -23.65 12.98
CA ALA A 238 24.83 -23.08 13.41
C ALA A 238 24.91 -23.06 14.92
N PRO A 239 26.13 -23.01 15.50
CA PRO A 239 26.28 -22.69 16.92
C PRO A 239 26.09 -21.19 17.20
N PRO B 45 -29.49 -2.17 -4.12
CA PRO B 45 -28.43 -2.83 -3.34
C PRO B 45 -27.39 -1.84 -2.79
N VAL B 46 -26.99 -0.86 -3.62
CA VAL B 46 -25.99 0.19 -3.28
C VAL B 46 -26.60 1.14 -2.24
N THR B 47 -27.86 1.54 -2.45
CA THR B 47 -28.63 2.48 -1.59
C THR B 47 -28.71 1.89 -0.16
N ASN B 48 -28.83 0.57 -0.07
CA ASN B 48 -29.01 -0.19 1.20
C ASN B 48 -27.70 -0.14 1.99
N ILE B 49 -26.59 -0.45 1.32
CA ILE B 49 -25.21 -0.40 1.89
C ILE B 49 -24.97 0.98 2.50
N CYS B 50 -25.32 2.05 1.77
CA CYS B 50 -25.04 3.46 2.17
C CYS B 50 -25.88 3.82 3.40
N GLN B 51 -27.13 3.35 3.43
CA GLN B 51 -28.04 3.52 4.59
C GLN B 51 -27.44 2.79 5.79
N ALA B 52 -27.07 1.52 5.60
CA ALA B 52 -26.49 0.64 6.63
C ALA B 52 -25.26 1.32 7.25
N ALA B 53 -24.39 1.90 6.43
CA ALA B 53 -23.20 2.66 6.86
C ALA B 53 -23.61 3.81 7.80
N ASP B 54 -24.52 4.67 7.33
CA ASP B 54 -25.10 5.81 8.10
C ASP B 54 -25.62 5.33 9.45
N LYS B 55 -26.39 4.24 9.46
CA LYS B 55 -26.97 3.62 10.68
C LYS B 55 -25.85 3.14 11.61
N GLN B 56 -24.82 2.51 11.06
CA GLN B 56 -23.64 1.97 11.79
C GLN B 56 -22.88 3.11 12.49
N LEU B 57 -22.58 4.18 11.74
CA LEU B 57 -21.89 5.39 12.27
C LEU B 57 -22.70 5.97 13.45
N PHE B 58 -24.04 5.99 13.32
CA PHE B 58 -24.98 6.58 14.32
C PHE B 58 -24.95 5.74 15.61
N THR B 59 -25.22 4.43 15.47
CA THR B 59 -25.04 3.39 16.51
C THR B 59 -23.69 3.60 17.19
N LEU B 60 -22.64 3.87 16.41
CA LEU B 60 -21.26 3.98 16.90
C LEU B 60 -21.14 5.22 17.79
N VAL B 61 -21.77 6.34 17.41
CA VAL B 61 -21.68 7.63 18.15
C VAL B 61 -22.47 7.50 19.46
N GLU B 62 -23.70 6.97 19.38
CA GLU B 62 -24.58 6.75 20.56
C GLU B 62 -23.79 5.92 21.60
N TRP B 63 -23.16 4.85 21.15
CA TRP B 63 -22.35 3.90 21.98
C TRP B 63 -21.23 4.67 22.69
N ALA B 64 -20.42 5.41 21.93
CA ALA B 64 -19.24 6.15 22.43
C ALA B 64 -19.69 7.14 23.51
N LYS B 65 -20.83 7.81 23.30
CA LYS B 65 -21.32 8.88 24.20
C LYS B 65 -21.71 8.26 25.56
N ARG B 66 -22.06 6.97 25.56
CA ARG B 66 -22.52 6.21 26.75
C ARG B 66 -21.31 5.57 27.47
N ILE B 67 -20.12 5.59 26.87
CA ILE B 67 -18.83 5.29 27.56
C ILE B 67 -18.55 6.42 28.54
N PRO B 68 -18.38 6.12 29.85
CA PRO B 68 -18.09 7.15 30.85
C PRO B 68 -16.89 8.01 30.44
N HIS B 69 -17.05 9.33 30.52
CA HIS B 69 -15.96 10.34 30.48
C HIS B 69 -15.63 10.73 29.05
N PHE B 70 -16.12 9.97 28.06
CA PHE B 70 -15.84 10.19 26.62
C PHE B 70 -16.31 11.60 26.24
N SER B 71 -17.55 11.94 26.61
CA SER B 71 -18.24 13.22 26.28
C SER B 71 -17.62 14.39 27.06
N GLU B 72 -16.74 14.11 28.03
CA GLU B 72 -16.03 15.13 28.85
C GLU B 72 -14.68 15.48 28.20
N LEU B 73 -14.32 14.79 27.10
CA LEU B 73 -13.16 15.14 26.25
C LEU B 73 -13.50 16.32 25.35
N PRO B 74 -12.51 17.10 24.90
CA PRO B 74 -12.73 18.07 23.82
C PRO B 74 -13.47 17.43 22.64
N LEU B 75 -14.33 18.19 21.97
CA LEU B 75 -15.12 17.74 20.80
C LEU B 75 -14.18 17.32 19.67
N ASP B 76 -13.10 18.08 19.43
CA ASP B 76 -12.07 17.77 18.40
C ASP B 76 -11.54 16.36 18.65
N ASP B 77 -11.28 16.03 19.92
CA ASP B 77 -10.62 14.77 20.35
C ASP B 77 -11.61 13.61 20.18
N GLN B 78 -12.87 13.83 20.53
CA GLN B 78 -13.96 12.83 20.38
C GLN B 78 -14.04 12.41 18.91
N VAL B 79 -14.00 13.37 18.00
CA VAL B 79 -14.12 13.16 16.52
C VAL B 79 -12.91 12.33 16.07
N ILE B 80 -11.72 12.73 16.53
CA ILE B 80 -10.43 12.06 16.17
C ILE B 80 -10.49 10.58 16.62
N LEU B 81 -10.93 10.31 17.85
CA LEU B 81 -10.97 8.93 18.40
C LEU B 81 -11.92 8.05 17.57
N LEU B 82 -13.08 8.59 17.18
CA LEU B 82 -14.11 7.84 16.41
C LEU B 82 -13.61 7.62 14.97
N ARG B 83 -12.96 8.63 14.39
CA ARG B 83 -12.40 8.55 13.02
C ARG B 83 -11.23 7.57 13.01
N ALA B 84 -10.41 7.56 14.08
CA ALA B 84 -9.23 6.69 14.23
C ALA B 84 -9.67 5.25 14.50
N GLY B 85 -10.88 5.06 15.03
CA GLY B 85 -11.31 3.82 15.70
C GLY B 85 -12.38 3.04 14.96
N TRP B 86 -13.15 3.68 14.06
CA TRP B 86 -14.42 3.12 13.53
C TRP B 86 -14.17 1.76 12.87
N ASN B 87 -13.02 1.61 12.21
CA ASN B 87 -12.66 0.42 11.41
C ASN B 87 -12.51 -0.78 12.36
N GLU B 88 -11.67 -0.64 13.37
CA GLU B 88 -11.38 -1.72 14.35
C GLU B 88 -12.63 -2.01 15.19
N LEU B 89 -13.37 -0.96 15.56
CA LEU B 89 -14.59 -1.06 16.40
C LEU B 89 -15.62 -1.94 15.68
N LEU B 90 -15.84 -1.66 14.38
CA LEU B 90 -16.82 -2.37 13.53
C LEU B 90 -16.42 -3.84 13.37
N ILE B 91 -15.16 -4.10 13.04
CA ILE B 91 -14.60 -5.47 12.83
C ILE B 91 -14.74 -6.28 14.13
N ALA B 92 -14.43 -5.67 15.27
CA ALA B 92 -14.60 -6.30 16.61
C ALA B 92 -16.07 -6.73 16.79
N SER B 93 -17.03 -5.85 16.49
CA SER B 93 -18.49 -6.11 16.60
C SER B 93 -18.86 -7.35 15.77
N PHE B 94 -18.57 -7.36 14.46
CA PHE B 94 -19.11 -8.36 13.51
C PHE B 94 -18.33 -9.67 13.68
N SER B 95 -17.03 -9.59 13.98
CA SER B 95 -16.20 -10.75 14.38
C SER B 95 -16.91 -11.50 15.51
N HIS B 96 -17.35 -10.77 16.54
CA HIS B 96 -17.98 -11.33 17.77
C HIS B 96 -19.36 -11.90 17.42
N ARG B 97 -20.14 -11.15 16.66
CA ARG B 97 -21.47 -11.59 16.11
C ARG B 97 -21.29 -12.91 15.37
N SER B 98 -20.15 -13.12 14.72
CA SER B 98 -19.89 -14.25 13.77
C SER B 98 -19.49 -15.52 14.55
N ILE B 99 -19.46 -15.46 15.88
CA ILE B 99 -19.23 -16.63 16.77
C ILE B 99 -20.31 -17.68 16.50
N ALA B 100 -21.52 -17.24 16.13
CA ALA B 100 -22.74 -18.08 16.03
C ALA B 100 -22.86 -18.67 14.62
N VAL B 101 -21.77 -18.70 13.87
CA VAL B 101 -21.74 -19.02 12.42
C VAL B 101 -20.44 -19.74 12.09
N LYS B 102 -20.49 -20.68 11.14
CA LYS B 102 -19.33 -21.48 10.66
C LYS B 102 -18.84 -20.89 9.33
N ASP B 103 -17.51 -20.74 9.19
CA ASP B 103 -16.83 -20.29 7.94
C ASP B 103 -17.60 -19.11 7.34
N GLY B 104 -18.05 -18.16 8.18
CA GLY B 104 -18.79 -16.97 7.74
C GLY B 104 -18.64 -15.81 8.71
N ILE B 105 -19.10 -14.64 8.31
CA ILE B 105 -19.30 -13.44 9.19
C ILE B 105 -20.72 -12.92 9.00
N LEU B 106 -21.36 -12.46 10.09
CA LEU B 106 -22.69 -11.79 10.08
C LEU B 106 -22.48 -10.28 10.22
N LEU B 107 -23.05 -9.48 9.31
CA LEU B 107 -22.89 -7.99 9.29
C LEU B 107 -24.10 -7.28 9.91
N GLY B 110 -27.64 -7.84 8.66
CA GLY B 110 -28.37 -9.12 8.64
C GLY B 110 -27.75 -10.15 7.68
N LEU B 111 -26.91 -9.68 6.74
CA LEU B 111 -26.44 -10.46 5.56
C LEU B 111 -25.24 -11.34 5.94
N HIS B 112 -25.46 -12.65 6.08
CA HIS B 112 -24.42 -13.71 6.23
C HIS B 112 -23.56 -13.79 4.97
N VAL B 113 -22.22 -13.76 5.12
CA VAL B 113 -21.24 -13.84 4.00
C VAL B 113 -20.32 -15.05 4.22
N HIS B 114 -20.41 -16.08 3.38
CA HIS B 114 -19.61 -17.33 3.49
C HIS B 114 -18.23 -17.12 2.83
N ARG B 115 -17.21 -17.88 3.29
CA ARG B 115 -15.79 -17.65 2.95
C ARG B 115 -15.56 -18.02 1.48
N ASN B 116 -16.39 -18.91 0.93
CA ASN B 116 -16.39 -19.29 -0.51
C ASN B 116 -16.59 -18.03 -1.36
N SER B 117 -17.57 -17.20 -1.00
CA SER B 117 -17.90 -15.92 -1.69
C SER B 117 -16.72 -14.96 -1.56
N ALA B 118 -16.10 -14.91 -0.38
CA ALA B 118 -14.99 -13.99 -0.04
C ALA B 118 -13.77 -14.34 -0.92
N HIS B 119 -13.46 -15.64 -1.03
CA HIS B 119 -12.33 -16.16 -1.85
C HIS B 119 -12.60 -15.91 -3.33
N SER B 120 -13.88 -15.95 -3.72
CA SER B 120 -14.37 -15.73 -5.11
C SER B 120 -14.24 -14.25 -5.49
N ALA B 121 -14.32 -13.34 -4.52
CA ALA B 121 -14.23 -11.87 -4.71
C ALA B 121 -12.79 -11.40 -4.50
N GLY B 122 -11.84 -12.33 -4.35
CA GLY B 122 -10.40 -12.06 -4.36
C GLY B 122 -9.92 -11.46 -3.06
N VAL B 123 -10.64 -11.71 -1.96
CA VAL B 123 -10.31 -11.22 -0.59
C VAL B 123 -10.39 -12.40 0.38
N GLY B 124 -9.98 -13.58 -0.09
CA GLY B 124 -9.99 -14.83 0.70
C GLY B 124 -9.00 -14.75 1.86
N ALA B 125 -7.78 -14.26 1.60
CA ALA B 125 -6.70 -14.10 2.59
C ALA B 125 -7.23 -13.33 3.81
N ILE B 126 -7.77 -12.13 3.57
CA ILE B 126 -8.18 -11.18 4.65
C ILE B 126 -9.33 -11.81 5.45
N PHE B 127 -10.27 -12.44 4.77
CA PHE B 127 -11.47 -13.10 5.37
C PHE B 127 -11.02 -14.20 6.33
N ASP B 128 -10.04 -15.02 5.91
CA ASP B 128 -9.52 -16.18 6.69
C ASP B 128 -8.82 -15.67 7.95
N ARG B 129 -8.11 -14.54 7.86
CA ARG B 129 -7.47 -13.85 9.02
C ARG B 129 -8.55 -13.42 10.02
N VAL B 130 -9.63 -12.80 9.55
CA VAL B 130 -10.80 -12.42 10.41
C VAL B 130 -11.25 -13.67 11.16
N LEU B 131 -11.36 -14.80 10.46
CA LEU B 131 -11.92 -16.08 10.99
C LEU B 131 -10.96 -16.65 12.03
N THR B 132 -9.69 -16.81 11.68
CA THR B 132 -8.67 -17.55 12.48
C THR B 132 -8.24 -16.68 13.66
N GLU B 133 -7.93 -15.41 13.39
CA GLU B 133 -7.25 -14.50 14.36
C GLU B 133 -8.29 -13.87 15.31
N LEU B 134 -9.52 -13.64 14.86
CA LEU B 134 -10.55 -12.96 15.68
C LEU B 134 -11.69 -13.92 16.03
N VAL B 135 -12.47 -14.34 15.03
CA VAL B 135 -13.78 -15.02 15.28
C VAL B 135 -13.55 -16.29 16.11
N SER B 136 -12.66 -17.18 15.65
CA SER B 136 -12.39 -18.49 16.28
C SER B 136 -11.72 -18.28 17.65
N LYS B 137 -10.82 -17.31 17.77
CA LYS B 137 -10.12 -17.00 19.05
C LYS B 137 -11.18 -16.55 20.06
N MET B 138 -12.12 -15.69 19.64
CA MET B 138 -13.27 -15.24 20.46
C MET B 138 -14.14 -16.45 20.85
N ARG B 139 -14.41 -17.35 19.91
CA ARG B 139 -15.19 -18.60 20.18
C ARG B 139 -14.42 -19.46 21.20
N ASP B 140 -13.16 -19.78 20.91
CA ASP B 140 -12.33 -20.77 21.67
C ASP B 140 -12.29 -20.38 23.15
N MET B 141 -12.21 -19.08 23.46
CA MET B 141 -12.06 -18.56 24.84
C MET B 141 -13.41 -18.05 25.34
N GLN B 142 -14.47 -18.27 24.57
CA GLN B 142 -15.85 -17.81 24.88
C GLN B 142 -15.80 -16.37 25.40
N MET B 143 -15.19 -15.46 24.63
CA MET B 143 -15.20 -13.99 24.93
C MET B 143 -16.65 -13.53 25.03
N ASP B 144 -17.04 -12.98 26.18
CA ASP B 144 -18.43 -12.52 26.46
C ASP B 144 -18.55 -11.05 26.04
N LYS B 145 -19.76 -10.49 26.15
CA LYS B 145 -20.13 -9.17 25.53
C LYS B 145 -19.59 -8.02 26.40
N THR B 146 -19.42 -8.25 27.71
CA THR B 146 -18.77 -7.28 28.63
C THR B 146 -17.32 -7.06 28.17
N GLU B 147 -16.65 -8.17 27.84
CA GLU B 147 -15.20 -8.22 27.48
C GLU B 147 -15.03 -7.55 26.12
N LEU B 148 -15.91 -7.83 25.15
CA LEU B 148 -15.96 -7.12 23.85
C LEU B 148 -16.11 -5.61 24.08
N GLY B 149 -17.08 -5.21 24.92
CA GLY B 149 -17.36 -3.79 25.20
C GLY B 149 -16.11 -3.07 25.67
N CYS B 150 -15.39 -3.68 26.62
CA CYS B 150 -14.19 -3.12 27.29
C CYS B 150 -13.05 -2.98 26.27
N LEU B 151 -12.82 -4.01 25.44
CA LEU B 151 -11.82 -3.99 24.34
C LEU B 151 -12.14 -2.84 23.37
N ARG B 152 -13.41 -2.73 22.95
CA ARG B 152 -13.84 -1.67 22.02
C ARG B 152 -13.55 -0.31 22.68
N ALA B 153 -13.79 -0.20 23.99
CA ALA B 153 -13.58 1.04 24.78
C ALA B 153 -12.08 1.37 24.86
N ILE B 154 -11.23 0.34 24.97
CA ILE B 154 -9.75 0.47 24.93
C ILE B 154 -9.33 0.97 23.54
N VAL B 155 -9.87 0.36 22.48
CA VAL B 155 -9.60 0.76 21.07
C VAL B 155 -10.02 2.22 20.88
N LEU B 156 -11.25 2.58 21.27
CA LEU B 156 -11.79 3.95 21.21
C LEU B 156 -10.81 4.93 21.87
N PHE B 157 -10.46 4.67 23.14
CA PHE B 157 -9.54 5.52 23.93
C PHE B 157 -8.10 5.24 23.50
N ASN B 158 -7.78 5.54 22.24
CA ASN B 158 -6.44 5.32 21.62
C ASN B 158 -5.64 6.61 21.69
N PRO B 159 -4.69 6.73 22.66
CA PRO B 159 -3.92 7.96 22.83
C PRO B 159 -2.86 8.17 21.74
N ASP B 160 -2.75 7.23 20.79
CA ASP B 160 -1.81 7.29 19.64
C ASP B 160 -2.45 8.06 18.48
N SER B 161 -3.77 8.28 18.54
CA SER B 161 -4.55 8.98 17.50
C SER B 161 -3.91 10.34 17.22
N LYS B 162 -3.71 10.66 15.95
CA LYS B 162 -2.98 11.88 15.50
C LYS B 162 -3.90 13.09 15.64
N GLY B 163 -3.40 14.17 16.23
CA GLY B 163 -4.12 15.45 16.35
C GLY B 163 -4.72 15.65 17.72
N LEU B 164 -4.73 14.61 18.57
CA LEU B 164 -5.35 14.68 19.93
C LEU B 164 -4.76 15.89 20.67
N SER B 165 -5.62 16.74 21.22
CA SER B 165 -5.25 17.92 22.05
C SER B 165 -4.58 17.46 23.35
N ASN B 166 -5.12 16.43 24.02
CA ASN B 166 -4.60 15.91 25.31
C ASN B 166 -4.56 14.39 25.28
N PRO B 167 -3.50 13.80 24.67
CA PRO B 167 -3.31 12.35 24.67
C PRO B 167 -3.26 11.75 26.09
N ALA B 168 -2.68 12.49 27.04
CA ALA B 168 -2.52 12.06 28.45
C ALA B 168 -3.89 11.73 29.05
N GLU B 169 -4.92 12.52 28.72
CA GLU B 169 -6.30 12.33 29.23
C GLU B 169 -6.90 11.05 28.64
N VAL B 170 -6.72 10.83 27.34
CA VAL B 170 -7.22 9.63 26.60
C VAL B 170 -6.56 8.38 27.19
N GLU B 171 -5.22 8.42 27.35
CA GLU B 171 -4.44 7.35 27.99
C GLU B 171 -5.04 7.03 29.37
N ALA B 172 -5.35 8.08 30.15
CA ALA B 172 -5.86 7.97 31.54
C ALA B 172 -7.21 7.24 31.53
N LEU B 173 -8.05 7.49 30.53
CA LEU B 173 -9.40 6.88 30.42
C LEU B 173 -9.27 5.42 29.98
N ARG B 174 -8.28 5.12 29.14
CA ARG B 174 -7.96 3.74 28.69
C ARG B 174 -7.48 2.92 29.89
N GLU B 175 -6.65 3.50 30.76
CA GLU B 175 -6.16 2.88 32.02
C GLU B 175 -7.37 2.48 32.88
N LYS B 176 -8.34 3.39 33.04
CA LYS B 176 -9.61 3.14 33.79
C LYS B 176 -10.31 1.93 33.18
N VAL B 177 -10.43 1.88 31.86
CA VAL B 177 -11.20 0.83 31.13
C VAL B 177 -10.53 -0.52 31.37
N TYR B 178 -9.22 -0.63 31.16
CA TYR B 178 -8.52 -1.94 31.16
C TYR B 178 -8.28 -2.39 32.60
N ALA B 179 -8.13 -1.46 33.54
CA ALA B 179 -8.18 -1.72 35.01
C ALA B 179 -9.51 -2.38 35.37
N SER B 180 -10.61 -1.84 34.83
CA SER B 180 -12.00 -2.32 35.06
C SER B 180 -12.18 -3.73 34.47
N LEU B 181 -11.64 -3.95 33.26
CA LEU B 181 -11.71 -5.26 32.55
C LEU B 181 -10.96 -6.34 33.34
N GLU B 182 -9.74 -6.03 33.82
CA GLU B 182 -8.91 -6.95 34.64
C GLU B 182 -9.69 -7.40 35.89
N ALA B 183 -10.30 -6.43 36.59
CA ALA B 183 -11.23 -6.68 37.72
C ALA B 183 -12.27 -7.73 37.29
N TYR B 184 -12.97 -7.47 36.19
CA TYR B 184 -14.07 -8.33 35.68
C TYR B 184 -13.53 -9.75 35.43
N CYS B 185 -12.40 -9.85 34.71
CA CYS B 185 -11.77 -11.12 34.26
C CYS B 185 -11.35 -11.95 35.48
N LYS B 186 -10.68 -11.31 36.43
CA LYS B 186 -10.08 -11.95 37.62
C LYS B 186 -11.20 -12.55 38.48
N HIS B 187 -12.39 -11.94 38.44
CA HIS B 187 -13.57 -12.33 39.28
C HIS B 187 -14.40 -13.39 38.56
N LYS B 188 -14.69 -13.23 37.27
CA LYS B 188 -15.59 -14.15 36.53
C LYS B 188 -14.83 -15.40 36.05
N TYR B 189 -13.50 -15.30 35.90
CA TYR B 189 -12.64 -16.38 35.34
C TYR B 189 -11.37 -16.49 36.18
N PRO B 190 -11.46 -16.60 37.51
CA PRO B 190 -10.28 -16.68 38.37
C PRO B 190 -9.40 -17.89 38.04
N GLU B 191 -10.01 -18.97 37.54
CA GLU B 191 -9.34 -20.23 37.10
C GLU B 191 -8.49 -19.94 35.85
N GLN B 192 -8.76 -18.85 35.13
CA GLN B 192 -8.04 -18.45 33.89
C GLN B 192 -7.21 -17.20 34.17
N PRO B 193 -6.12 -17.32 34.95
CA PRO B 193 -5.41 -16.12 35.42
C PRO B 193 -4.78 -15.30 34.28
N GLY B 194 -4.62 -15.90 33.10
CA GLY B 194 -3.99 -15.26 31.93
C GLY B 194 -5.02 -14.64 30.98
N ARG B 195 -6.30 -14.64 31.36
CA ARG B 195 -7.42 -14.31 30.44
C ARG B 195 -7.35 -12.83 30.04
N PHE B 196 -6.99 -11.96 30.98
CA PHE B 196 -6.87 -10.49 30.76
C PHE B 196 -5.85 -10.22 29.65
N ALA B 197 -4.64 -10.77 29.80
CA ALA B 197 -3.53 -10.60 28.82
C ALA B 197 -3.98 -11.12 27.45
N LYS B 198 -4.60 -12.31 27.43
CA LYS B 198 -5.11 -12.98 26.20
C LYS B 198 -6.06 -12.03 25.45
N LEU B 199 -6.97 -11.36 26.18
CA LEU B 199 -7.91 -10.36 25.63
C LEU B 199 -7.12 -9.21 24.99
N LEU B 200 -6.15 -8.66 25.72
CA LEU B 200 -5.33 -7.50 25.27
C LEU B 200 -4.51 -7.90 24.04
N LEU B 201 -4.12 -9.17 23.93
CA LEU B 201 -3.17 -9.66 22.88
C LEU B 201 -3.95 -10.06 21.62
N ARG B 202 -5.26 -9.82 21.59
CA ARG B 202 -6.10 -9.89 20.36
C ARG B 202 -6.09 -8.53 19.65
N LEU B 203 -5.60 -7.49 20.31
CA LEU B 203 -5.67 -6.10 19.78
C LEU B 203 -4.66 -5.94 18.64
N PRO B 204 -3.44 -6.52 18.70
CA PRO B 204 -2.50 -6.44 17.57
C PRO B 204 -3.12 -7.00 16.29
N ALA B 205 -3.72 -8.20 16.37
CA ALA B 205 -4.47 -8.84 15.27
C ALA B 205 -5.52 -7.85 14.74
N LEU B 206 -6.30 -7.24 15.62
CA LEU B 206 -7.36 -6.26 15.28
C LEU B 206 -6.75 -5.10 14.50
N ARG B 207 -5.53 -4.70 14.86
CA ARG B 207 -4.83 -3.53 14.27
C ARG B 207 -4.46 -3.88 12.82
N SER B 208 -3.81 -5.01 12.60
CA SER B 208 -3.27 -5.44 11.28
C SER B 208 -4.43 -5.77 10.34
N ILE B 209 -5.38 -6.59 10.80
CA ILE B 209 -6.64 -6.90 10.06
C ILE B 209 -7.36 -5.57 9.77
N GLY B 210 -7.38 -4.67 10.74
CA GLY B 210 -7.86 -3.29 10.54
C GLY B 210 -7.30 -2.70 9.27
N LEU B 211 -5.98 -2.58 9.19
CA LEU B 211 -5.26 -1.89 8.10
C LEU B 211 -5.46 -2.66 6.80
N LYS B 212 -5.50 -3.99 6.86
CA LYS B 212 -5.63 -4.88 5.67
C LYS B 212 -7.02 -4.74 5.07
N CYS B 213 -8.05 -4.47 5.89
CA CYS B 213 -9.46 -4.30 5.45
C CYS B 213 -9.62 -2.98 4.68
N LEU B 214 -9.05 -1.88 5.22
CA LEU B 214 -8.87 -0.60 4.49
C LEU B 214 -8.19 -0.87 3.15
N GLU B 215 -7.00 -1.48 3.17
CA GLU B 215 -6.02 -1.50 2.06
C GLU B 215 -6.59 -2.31 0.89
N HIS B 216 -7.45 -3.29 1.18
CA HIS B 216 -8.04 -4.23 0.20
C HIS B 216 -9.47 -3.77 -0.15
N LEU B 217 -9.98 -2.73 0.53
CA LEU B 217 -11.41 -2.30 0.47
C LEU B 217 -12.32 -3.50 0.75
N PHE B 218 -12.14 -4.12 1.92
CA PHE B 218 -12.67 -5.47 2.27
C PHE B 218 -14.21 -5.45 2.16
N PHE B 219 -14.85 -4.45 2.77
CA PHE B 219 -16.31 -4.33 2.93
C PHE B 219 -16.96 -4.20 1.55
N PHE B 220 -16.38 -3.36 0.68
CA PHE B 220 -16.93 -2.90 -0.61
C PHE B 220 -16.85 -4.05 -1.62
N LYS B 221 -15.78 -4.83 -1.55
CA LYS B 221 -15.53 -5.98 -2.47
C LYS B 221 -16.48 -7.12 -2.09
N LEU B 222 -16.78 -7.27 -0.80
CA LEU B 222 -17.66 -8.36 -0.28
C LEU B 222 -19.08 -8.16 -0.82
N ILE B 223 -19.70 -7.01 -0.50
CA ILE B 223 -21.17 -6.78 -0.70
C ILE B 223 -21.37 -5.97 -1.99
N GLY B 224 -20.39 -5.14 -2.36
CA GLY B 224 -20.56 -4.04 -3.33
C GLY B 224 -20.27 -4.47 -4.77
N ASP B 225 -19.68 -5.66 -4.96
CA ASP B 225 -19.24 -6.21 -6.28
C ASP B 225 -20.33 -5.99 -7.34
N THR B 226 -21.39 -6.81 -7.31
CA THR B 226 -22.43 -6.91 -8.37
C THR B 226 -23.38 -5.72 -8.29
N PRO B 227 -23.74 -5.24 -7.08
CA PRO B 227 -24.44 -3.97 -6.94
C PRO B 227 -23.86 -2.85 -7.84
N ILE B 228 -22.54 -2.77 -7.97
CA ILE B 228 -21.83 -1.79 -8.84
C ILE B 228 -22.14 -2.13 -10.31
N ASP B 229 -21.87 -3.37 -10.74
CA ASP B 229 -22.21 -3.87 -12.09
C ASP B 229 -23.66 -3.49 -12.42
N THR B 230 -24.58 -3.72 -11.48
CA THR B 230 -26.04 -3.47 -11.59
C THR B 230 -26.29 -1.97 -11.72
N PHE B 231 -25.72 -1.16 -10.82
CA PHE B 231 -25.64 0.32 -10.91
C PHE B 231 -25.31 0.72 -12.35
N LEU B 232 -24.11 0.37 -12.81
CA LEU B 232 -23.51 0.87 -14.08
C LEU B 232 -24.44 0.51 -15.25
N MET B 233 -25.08 -0.66 -15.19
CA MET B 233 -26.04 -1.12 -16.23
C MET B 233 -27.30 -0.24 -16.18
N GLU B 234 -27.81 0.02 -14.97
CA GLU B 234 -28.96 0.94 -14.72
C GLU B 234 -28.65 2.25 -15.47
N MET B 235 -27.44 2.77 -15.29
CA MET B 235 -26.97 4.05 -15.88
C MET B 235 -26.88 3.90 -17.41
N LEU B 236 -26.51 2.70 -17.88
CA LEU B 236 -26.13 2.43 -19.29
C LEU B 236 -27.41 2.28 -20.14
N GLU B 237 -28.50 1.82 -19.53
CA GLU B 237 -29.76 1.49 -20.24
C GLU B 237 -30.81 2.56 -19.93
N ALA B 238 -30.52 3.48 -19.01
CA ALA B 238 -31.16 4.81 -18.93
C ALA B 238 -30.99 5.54 -20.26
N PRO B 239 -31.84 6.55 -20.57
CA PRO B 239 -31.58 7.42 -21.72
C PRO B 239 -30.42 8.39 -21.48
N PRO C 12 -13.30 10.02 -35.38
CA PRO C 12 -13.86 11.38 -35.37
C PRO C 12 -13.43 12.17 -34.12
N VAL C 13 -13.27 13.49 -34.26
CA VAL C 13 -12.68 14.40 -33.22
C VAL C 13 -13.73 15.42 -32.78
N GLU C 14 -14.83 15.53 -33.55
CA GLU C 14 -15.91 16.54 -33.34
C GLU C 14 -16.91 16.01 -32.30
N ARG C 15 -17.08 14.68 -32.24
CA ARG C 15 -18.08 13.98 -31.37
C ARG C 15 -17.48 13.71 -29.99
N ILE C 16 -16.15 13.81 -29.88
CA ILE C 16 -15.36 13.62 -28.62
C ILE C 16 -15.36 14.95 -27.84
N LEU C 17 -15.07 16.05 -28.54
CA LEU C 17 -15.19 17.45 -28.04
C LEU C 17 -16.66 17.75 -27.69
N GLU C 18 -17.60 17.32 -28.54
CA GLU C 18 -19.06 17.44 -28.34
C GLU C 18 -19.46 16.69 -27.06
N ALA C 19 -18.92 15.48 -26.85
CA ALA C 19 -19.09 14.66 -25.63
C ALA C 19 -18.55 15.43 -24.42
N GLU C 20 -17.38 16.04 -24.57
CA GLU C 20 -16.62 16.73 -23.48
C GLU C 20 -17.33 18.04 -23.08
N LEU C 21 -18.07 18.67 -23.99
CA LEU C 21 -18.71 20.00 -23.76
C LEU C 21 -20.11 19.80 -23.13
N ALA C 22 -20.70 18.62 -23.33
CA ALA C 22 -22.13 18.32 -23.01
C ALA C 22 -22.23 17.70 -21.62
N PRO C 45 -27.34 11.16 7.59
CA PRO C 45 -27.36 11.05 6.13
C PRO C 45 -25.99 11.23 5.44
N VAL C 46 -24.89 11.00 6.17
CA VAL C 46 -23.54 11.50 5.79
C VAL C 46 -22.97 10.59 4.71
N THR C 47 -23.11 9.28 4.88
CA THR C 47 -22.56 8.26 3.93
C THR C 47 -23.26 8.43 2.58
N ASN C 48 -24.50 8.93 2.54
CA ASN C 48 -25.22 9.29 1.29
C ASN C 48 -24.51 10.46 0.57
N ILE C 49 -23.22 10.70 0.87
CA ILE C 49 -22.08 10.97 -0.06
C ILE C 49 -22.21 10.12 -1.34
N CYS C 50 -22.80 8.92 -1.18
CA CYS C 50 -23.17 7.96 -2.25
C CYS C 50 -23.99 8.64 -3.34
N GLN C 51 -24.88 9.57 -3.00
CA GLN C 51 -25.68 10.37 -3.97
C GLN C 51 -24.73 11.18 -4.87
N ALA C 52 -23.84 11.97 -4.27
CA ALA C 52 -22.88 12.83 -5.01
C ALA C 52 -22.04 11.93 -5.94
N ALA C 53 -21.52 10.83 -5.39
CA ALA C 53 -20.74 9.80 -6.13
C ALA C 53 -21.56 9.28 -7.31
N ASP C 54 -22.78 8.79 -7.04
CA ASP C 54 -23.76 8.29 -8.03
C ASP C 54 -23.91 9.28 -9.20
N LYS C 55 -24.10 10.57 -8.88
CA LYS C 55 -24.32 11.65 -9.87
C LYS C 55 -23.06 11.84 -10.71
N GLN C 56 -21.89 11.82 -10.05
CA GLN C 56 -20.55 11.97 -10.67
C GLN C 56 -20.29 10.81 -11.66
N LEU C 57 -20.50 9.57 -11.22
CA LEU C 57 -20.34 8.36 -12.04
C LEU C 57 -21.27 8.43 -13.26
N PHE C 58 -22.47 8.99 -13.07
CA PHE C 58 -23.54 9.08 -14.09
C PHE C 58 -23.14 10.06 -15.19
N THR C 59 -22.68 11.26 -14.83
CA THR C 59 -22.02 12.23 -15.75
C THR C 59 -21.00 11.50 -16.62
N LEU C 60 -20.22 10.59 -16.01
CA LEU C 60 -19.14 9.83 -16.68
C LEU C 60 -19.74 8.87 -17.70
N VAL C 61 -20.86 8.22 -17.36
CA VAL C 61 -21.55 7.23 -18.23
C VAL C 61 -22.19 7.96 -19.41
N GLU C 62 -22.88 9.08 -19.16
CA GLU C 62 -23.51 9.91 -20.22
C GLU C 62 -22.44 10.28 -21.25
N TRP C 63 -21.26 10.73 -20.79
CA TRP C 63 -20.11 11.11 -21.64
C TRP C 63 -19.68 9.91 -22.51
N ALA C 64 -19.44 8.76 -21.88
CA ALA C 64 -18.96 7.53 -22.54
C ALA C 64 -19.93 7.13 -23.67
N LYS C 65 -21.24 7.25 -23.41
CA LYS C 65 -22.32 6.83 -24.36
C LYS C 65 -22.24 7.70 -25.62
N ARG C 66 -21.74 8.92 -25.50
CA ARG C 66 -21.64 9.92 -26.61
C ARG C 66 -20.30 9.76 -27.36
N ILE C 67 -19.36 8.97 -26.83
CA ILE C 67 -18.15 8.51 -27.56
C ILE C 67 -18.59 7.53 -28.64
N PRO C 68 -18.25 7.80 -29.92
CA PRO C 68 -18.62 6.92 -31.03
C PRO C 68 -18.20 5.46 -30.76
N HIS C 69 -19.14 4.53 -30.93
CA HIS C 69 -18.90 3.07 -31.06
C HIS C 69 -18.90 2.43 -29.67
N PHE C 70 -18.82 3.21 -28.61
CA PHE C 70 -18.77 2.71 -27.22
C PHE C 70 -20.03 1.89 -26.92
N SER C 71 -21.20 2.45 -27.26
CA SER C 71 -22.54 1.85 -27.01
C SER C 71 -22.78 0.64 -27.92
N GLU C 72 -21.92 0.43 -28.93
CA GLU C 72 -22.01 -0.71 -29.87
C GLU C 72 -21.17 -1.89 -29.36
N LEU C 73 -20.44 -1.70 -28.25
CA LEU C 73 -19.73 -2.78 -27.51
C LEU C 73 -20.75 -3.60 -26.73
N PRO C 74 -20.46 -4.89 -26.44
CA PRO C 74 -21.24 -5.65 -25.46
C PRO C 74 -21.41 -4.84 -24.16
N LEU C 75 -22.56 -4.99 -23.51
CA LEU C 75 -22.89 -4.26 -22.25
C LEU C 75 -21.92 -4.65 -21.13
N ASP C 76 -21.56 -5.93 -21.05
CA ASP C 76 -20.57 -6.45 -20.06
C ASP C 76 -19.24 -5.71 -20.23
N ASP C 77 -18.85 -5.44 -21.48
CA ASP C 77 -17.54 -4.83 -21.83
C ASP C 77 -17.58 -3.34 -21.48
N GLN C 78 -18.72 -2.68 -21.75
CA GLN C 78 -18.95 -1.25 -21.41
C GLN C 78 -18.75 -1.06 -19.91
N VAL C 79 -19.32 -1.98 -19.11
CA VAL C 79 -19.27 -1.94 -17.62
C VAL C 79 -17.82 -2.12 -17.18
N ILE C 80 -17.12 -3.07 -17.78
CA ILE C 80 -15.69 -3.37 -17.45
C ILE C 80 -14.83 -2.14 -17.73
N LEU C 81 -15.01 -1.49 -18.89
CA LEU C 81 -14.22 -0.29 -19.28
C LEU C 81 -14.45 0.84 -18.28
N LEU C 82 -15.69 1.05 -17.83
CA LEU C 82 -16.07 2.13 -16.89
C LEU C 82 -15.54 1.79 -15.49
N ARG C 83 -15.62 0.52 -15.09
CA ARG C 83 -15.05 0.01 -13.81
C ARG C 83 -13.54 0.20 -13.81
N ALA C 84 -12.88 -0.11 -14.93
CA ALA C 84 -11.41 -0.03 -15.11
C ALA C 84 -10.97 1.43 -15.17
N GLY C 85 -11.86 2.33 -15.61
CA GLY C 85 -11.50 3.64 -16.17
C GLY C 85 -11.91 4.82 -15.31
N TRP C 86 -12.90 4.65 -14.40
CA TRP C 86 -13.68 5.75 -13.80
C TRP C 86 -12.73 6.67 -13.03
N ASN C 87 -11.71 6.08 -12.40
CA ASN C 87 -10.80 6.80 -11.48
C ASN C 87 -9.97 7.78 -12.31
N GLU C 88 -9.29 7.28 -13.35
CA GLU C 88 -8.41 8.10 -14.22
C GLU C 88 -9.26 9.11 -15.00
N LEU C 89 -10.44 8.72 -15.47
CA LEU C 89 -11.36 9.57 -16.26
C LEU C 89 -11.77 10.79 -15.42
N LEU C 90 -12.14 10.57 -14.16
CA LEU C 90 -12.58 11.63 -13.22
C LEU C 90 -11.43 12.59 -12.96
N ILE C 91 -10.25 12.06 -12.62
CA ILE C 91 -9.02 12.84 -12.30
C ILE C 91 -8.64 13.71 -13.51
N ALA C 92 -8.72 13.15 -14.72
CA ALA C 92 -8.45 13.87 -15.99
C ALA C 92 -9.39 15.08 -16.10
N SER C 93 -10.68 14.88 -15.86
CA SER C 93 -11.73 15.94 -15.89
C SER C 93 -11.35 17.09 -14.95
N PHE C 94 -11.15 16.80 -13.66
CA PHE C 94 -11.08 17.84 -12.61
C PHE C 94 -9.69 18.50 -12.67
N SER C 95 -8.66 17.72 -13.00
CA SER C 95 -7.30 18.22 -13.30
C SER C 95 -7.41 19.35 -14.33
N HIS C 96 -8.13 19.10 -15.43
CA HIS C 96 -8.26 20.04 -16.58
C HIS C 96 -9.08 21.27 -16.15
N ARG C 97 -10.20 21.04 -15.46
CA ARG C 97 -11.06 22.10 -14.87
C ARG C 97 -10.19 23.03 -14.02
N SER C 98 -9.17 22.48 -13.36
CA SER C 98 -8.35 23.16 -12.31
C SER C 98 -7.25 24.02 -12.93
N ILE C 99 -7.21 24.09 -14.27
CA ILE C 99 -6.27 24.98 -15.03
C ILE C 99 -6.51 26.43 -14.61
N ALA C 100 -7.76 26.77 -14.23
CA ALA C 100 -8.26 28.14 -13.99
C ALA C 100 -8.01 28.56 -12.54
N VAL C 101 -7.13 27.86 -11.82
CA VAL C 101 -7.04 27.92 -10.33
C VAL C 101 -5.59 27.64 -9.92
N LYS C 102 -5.15 28.29 -8.84
CA LYS C 102 -3.79 28.17 -8.25
C LYS C 102 -3.88 27.30 -6.98
N ASP C 103 -2.93 26.38 -6.81
CA ASP C 103 -2.78 25.51 -5.61
C ASP C 103 -4.16 24.97 -5.21
N GLY C 104 -4.97 24.55 -6.18
CA GLY C 104 -6.31 23.99 -5.92
C GLY C 104 -6.79 23.10 -7.04
N ILE C 105 -7.89 22.37 -6.82
CA ILE C 105 -8.68 21.68 -7.87
C ILE C 105 -10.15 22.09 -7.73
N LEU C 106 -10.83 22.25 -8.88
CA LEU C 106 -12.28 22.51 -8.98
C LEU C 106 -13.02 21.18 -9.19
N LEU C 107 -14.03 20.89 -8.38
CA LEU C 107 -14.90 19.68 -8.50
C LEU C 107 -16.19 20.04 -9.26
N LEU C 111 -17.26 22.40 -5.28
CA LEU C 111 -16.32 23.35 -5.94
C LEU C 111 -14.95 23.33 -5.22
N HIS C 112 -14.33 24.51 -5.05
CA HIS C 112 -12.85 24.70 -4.99
C HIS C 112 -12.29 24.10 -3.69
N VAL C 113 -11.25 23.26 -3.82
CA VAL C 113 -10.54 22.61 -2.68
C VAL C 113 -9.06 22.99 -2.77
N HIS C 114 -8.56 23.76 -1.79
CA HIS C 114 -7.16 24.25 -1.71
C HIS C 114 -6.26 23.12 -1.18
N ARG C 115 -4.96 23.16 -1.51
CA ARG C 115 -4.01 22.06 -1.23
C ARG C 115 -3.77 21.94 0.28
N ASN C 116 -3.96 23.05 1.00
CA ASN C 116 -3.79 23.09 2.48
C ASN C 116 -4.89 22.24 3.10
N SER C 117 -6.12 22.28 2.57
CA SER C 117 -7.26 21.43 2.99
C SER C 117 -6.94 19.96 2.72
N ALA C 118 -6.34 19.69 1.56
CA ALA C 118 -5.99 18.33 1.09
C ALA C 118 -4.93 17.72 2.03
N HIS C 119 -3.92 18.51 2.40
CA HIS C 119 -2.83 18.11 3.34
C HIS C 119 -3.42 17.87 4.73
N SER C 120 -4.46 18.63 5.09
CA SER C 120 -5.17 18.57 6.39
C SER C 120 -6.01 17.28 6.47
N ALA C 121 -6.49 16.78 5.34
CA ALA C 121 -7.32 15.56 5.24
C ALA C 121 -6.43 14.33 4.96
N GLY C 122 -5.11 14.50 5.04
CA GLY C 122 -4.11 13.40 5.03
C GLY C 122 -3.89 12.84 3.65
N VAL C 123 -4.16 13.62 2.60
CA VAL C 123 -3.99 13.23 1.17
C VAL C 123 -3.22 14.34 0.44
N GLY C 124 -2.25 14.94 1.13
CA GLY C 124 -1.43 16.05 0.62
C GLY C 124 -0.56 15.62 -0.54
N ALA C 125 0.14 14.49 -0.37
CA ALA C 125 1.08 13.92 -1.35
C ALA C 125 0.37 13.78 -2.70
N ILE C 126 -0.78 13.10 -2.70
CA ILE C 126 -1.52 12.73 -3.94
C ILE C 126 -2.02 14.01 -4.63
N PHE C 127 -2.51 14.96 -3.85
CA PHE C 127 -3.02 16.28 -4.31
C PHE C 127 -1.92 17.02 -5.07
N ASP C 128 -0.71 17.04 -4.49
CA ASP C 128 0.46 17.80 -5.04
C ASP C 128 0.89 17.16 -6.37
N ARG C 129 0.81 15.84 -6.48
CA ARG C 129 1.06 15.06 -7.72
C ARG C 129 0.05 15.48 -8.80
N VAL C 130 -1.23 15.54 -8.46
CA VAL C 130 -2.30 16.03 -9.38
C VAL C 130 -1.88 17.40 -9.92
N LEU C 131 -1.38 18.29 -9.06
CA LEU C 131 -1.06 19.70 -9.40
C LEU C 131 0.16 19.73 -10.33
N THR C 132 1.25 19.06 -9.95
CA THR C 132 2.57 19.14 -10.61
C THR C 132 2.52 18.32 -11.91
N GLU C 133 2.01 17.08 -11.84
CA GLU C 133 2.14 16.07 -12.91
C GLU C 133 1.04 16.26 -13.95
N LEU C 134 -0.14 16.74 -13.55
CA LEU C 134 -1.31 16.87 -14.45
C LEU C 134 -1.63 18.35 -14.68
N VAL C 135 -2.09 19.07 -13.64
CA VAL C 135 -2.78 20.38 -13.81
C VAL C 135 -1.81 21.35 -14.48
N SER C 136 -0.60 21.50 -13.93
CA SER C 136 0.42 22.48 -14.41
C SER C 136 0.87 22.10 -15.82
N LYS C 137 1.08 20.81 -16.08
CA LYS C 137 1.51 20.29 -17.41
C LYS C 137 0.43 20.65 -18.43
N MET C 138 -0.84 20.43 -18.08
CA MET C 138 -2.02 20.79 -18.91
C MET C 138 -2.05 22.31 -19.15
N ARG C 139 -1.79 23.10 -18.10
CA ARG C 139 -1.74 24.59 -18.20
C ARG C 139 -0.59 24.99 -19.15
N ASP C 140 0.62 24.51 -18.88
CA ASP C 140 1.88 24.94 -19.57
C ASP C 140 1.70 24.80 -21.08
N MET C 141 1.05 23.72 -21.53
CA MET C 141 0.92 23.35 -22.96
C MET C 141 -0.49 23.74 -23.46
N GLN C 142 -1.26 24.42 -22.61
CA GLN C 142 -2.65 24.87 -22.91
C GLN C 142 -3.41 23.73 -23.61
N MET C 143 -3.46 22.55 -22.98
CA MET C 143 -4.27 21.41 -23.45
C MET C 143 -5.72 21.87 -23.63
N ASP C 144 -6.26 21.75 -24.84
CA ASP C 144 -7.67 22.14 -25.14
C ASP C 144 -8.58 20.94 -24.87
N LYS C 145 -9.91 21.15 -24.99
CA LYS C 145 -10.95 20.21 -24.50
C LYS C 145 -11.11 19.04 -25.50
N THR C 146 -10.79 19.25 -26.77
CA THR C 146 -10.78 18.18 -27.81
C THR C 146 -9.70 17.16 -27.43
N GLU C 147 -8.53 17.66 -27.01
CA GLU C 147 -7.33 16.87 -26.66
C GLU C 147 -7.59 16.09 -25.37
N LEU C 148 -8.20 16.73 -24.37
CA LEU C 148 -8.63 16.05 -23.13
C LEU C 148 -9.60 14.93 -23.49
N GLY C 149 -10.59 15.23 -24.33
CA GLY C 149 -11.62 14.27 -24.74
C GLY C 149 -10.99 13.01 -25.31
N CYS C 150 -10.02 13.19 -26.21
CA CYS C 150 -9.32 12.11 -26.95
C CYS C 150 -8.50 11.25 -25.99
N LEU C 151 -7.77 11.87 -25.06
CA LEU C 151 -7.01 11.17 -23.99
C LEU C 151 -7.98 10.32 -23.14
N ARG C 152 -9.09 10.94 -22.73
CA ARG C 152 -10.09 10.27 -21.87
C ARG C 152 -10.65 9.07 -22.63
N ALA C 153 -10.85 9.23 -23.94
CA ALA C 153 -11.40 8.21 -24.84
C ALA C 153 -10.40 7.07 -25.00
N ILE C 154 -9.11 7.40 -25.06
CA ILE C 154 -7.99 6.40 -25.05
C ILE C 154 -8.01 5.63 -23.72
N VAL C 155 -8.12 6.34 -22.60
CA VAL C 155 -8.17 5.72 -21.24
C VAL C 155 -9.39 4.79 -21.17
N LEU C 156 -10.58 5.29 -21.52
CA LEU C 156 -11.85 4.52 -21.55
C LEU C 156 -11.65 3.24 -22.38
N PHE C 157 -11.21 3.37 -23.64
CA PHE C 157 -10.95 2.24 -24.56
C PHE C 157 -9.64 1.56 -24.18
N ASN C 158 -9.60 0.96 -22.98
CA ASN C 158 -8.40 0.27 -22.42
C ASN C 158 -8.51 -1.23 -22.67
N PRO C 159 -7.80 -1.76 -23.69
CA PRO C 159 -7.91 -3.17 -24.04
C PRO C 159 -7.20 -4.10 -23.04
N ASP C 160 -6.59 -3.54 -22.00
CA ASP C 160 -5.88 -4.29 -20.92
C ASP C 160 -6.88 -4.69 -19.83
N SER C 161 -8.06 -4.06 -19.83
CA SER C 161 -9.13 -4.29 -18.83
C SER C 161 -9.44 -5.79 -18.76
N LYS C 162 -9.51 -6.33 -17.54
CA LYS C 162 -9.69 -7.78 -17.28
C LYS C 162 -11.15 -8.15 -17.53
N GLY C 163 -11.39 -9.21 -18.31
CA GLY C 163 -12.71 -9.83 -18.52
C GLY C 163 -13.37 -9.36 -19.80
N LEU C 164 -12.77 -8.42 -20.51
CA LEU C 164 -13.26 -7.94 -21.83
C LEU C 164 -13.52 -9.15 -22.73
N SER C 165 -14.72 -9.22 -23.32
CA SER C 165 -15.14 -10.27 -24.29
C SER C 165 -14.29 -10.17 -25.56
N ASN C 166 -14.06 -8.96 -26.08
CA ASN C 166 -13.27 -8.74 -27.32
C ASN C 166 -12.32 -7.57 -27.11
N PRO C 167 -11.15 -7.81 -26.48
CA PRO C 167 -10.12 -6.77 -26.32
C PRO C 167 -9.64 -6.20 -27.66
N ALA C 168 -9.59 -7.03 -28.71
CA ALA C 168 -9.17 -6.64 -30.07
C ALA C 168 -10.04 -5.48 -30.57
N GLU C 169 -11.35 -5.51 -30.28
CA GLU C 169 -12.32 -4.47 -30.70
C GLU C 169 -12.02 -3.16 -29.97
N VAL C 170 -11.78 -3.24 -28.65
CA VAL C 170 -11.46 -2.09 -27.78
C VAL C 170 -10.15 -1.44 -28.26
N GLU C 171 -9.12 -2.26 -28.50
CA GLU C 171 -7.81 -1.83 -29.04
C GLU C 171 -8.07 -1.07 -30.34
N ALA C 172 -8.91 -1.61 -31.21
CA ALA C 172 -9.24 -1.06 -32.54
C ALA C 172 -9.85 0.34 -32.39
N LEU C 173 -10.73 0.53 -31.40
CA LEU C 173 -11.43 1.82 -31.14
C LEU C 173 -10.43 2.83 -30.58
N ARG C 174 -9.49 2.38 -29.74
CA ARG C 174 -8.42 3.24 -29.17
C ARG C 174 -7.48 3.72 -30.29
N GLU C 175 -7.13 2.83 -31.23
CA GLU C 175 -6.31 3.17 -32.43
C GLU C 175 -7.00 4.28 -33.23
N LYS C 176 -8.32 4.15 -33.44
CA LYS C 176 -9.15 5.15 -34.16
C LYS C 176 -9.02 6.50 -33.43
N VAL C 177 -9.16 6.47 -32.10
CA VAL C 177 -9.16 7.70 -31.26
C VAL C 177 -7.81 8.41 -31.40
N TYR C 178 -6.69 7.69 -31.20
CA TYR C 178 -5.36 8.33 -31.10
C TYR C 178 -4.83 8.68 -32.50
N ALA C 179 -5.23 7.91 -33.53
CA ALA C 179 -5.04 8.28 -34.96
C ALA C 179 -5.73 9.63 -35.23
N SER C 180 -6.94 9.78 -34.70
CA SER C 180 -7.79 10.99 -34.91
C SER C 180 -7.17 12.17 -34.16
N LEU C 181 -6.64 11.93 -32.95
CA LEU C 181 -5.99 12.97 -32.10
C LEU C 181 -4.73 13.50 -32.81
N GLU C 182 -3.89 12.60 -33.33
CA GLU C 182 -2.65 12.97 -34.07
C GLU C 182 -3.00 13.89 -35.24
N ALA C 183 -4.01 13.51 -36.05
CA ALA C 183 -4.59 14.35 -37.13
C ALA C 183 -4.92 15.74 -36.59
N TYR C 184 -5.68 15.82 -35.49
CA TYR C 184 -6.15 17.09 -34.87
C TYR C 184 -4.93 17.94 -34.48
N CYS C 185 -3.95 17.32 -33.83
CA CYS C 185 -2.76 17.99 -33.23
C CYS C 185 -1.88 18.54 -34.37
N LYS C 186 -1.68 17.74 -35.42
CA LYS C 186 -0.82 18.07 -36.59
C LYS C 186 -1.41 19.29 -37.31
N HIS C 187 -2.74 19.42 -37.31
CA HIS C 187 -3.50 20.47 -38.04
C HIS C 187 -3.59 21.74 -37.19
N LYS C 188 -3.95 21.63 -35.91
CA LYS C 188 -4.22 22.81 -35.05
C LYS C 188 -2.92 23.36 -34.49
N TYR C 189 -1.87 22.53 -34.37
CA TYR C 189 -0.58 22.91 -33.75
C TYR C 189 0.58 22.37 -34.59
N PRO C 190 0.62 22.66 -35.91
CA PRO C 190 1.68 22.16 -36.78
C PRO C 190 3.08 22.64 -36.34
N GLU C 191 3.13 23.81 -35.71
CA GLU C 191 4.35 24.42 -35.11
C GLU C 191 4.86 23.57 -33.93
N GLN C 192 4.00 22.72 -33.35
CA GLN C 192 4.33 21.88 -32.17
C GLN C 192 4.39 20.41 -32.57
N PRO C 193 5.42 19.97 -33.32
CA PRO C 193 5.47 18.61 -33.85
C PRO C 193 5.51 17.52 -32.76
N GLY C 194 5.89 17.88 -31.54
CA GLY C 194 6.01 16.94 -30.41
C GLY C 194 4.72 16.82 -29.60
N ARG C 195 3.67 17.56 -29.95
CA ARG C 195 2.51 17.82 -29.05
C ARG C 195 1.75 16.52 -28.80
N PHE C 196 1.57 15.69 -29.83
CA PHE C 196 0.85 14.40 -29.78
C PHE C 196 1.47 13.49 -28.72
N ALA C 197 2.78 13.26 -28.81
CA ALA C 197 3.53 12.38 -27.89
C ALA C 197 3.43 12.93 -26.46
N LYS C 198 3.59 14.25 -26.31
CA LYS C 198 3.52 14.96 -25.01
C LYS C 198 2.17 14.66 -24.33
N LEU C 199 1.09 14.71 -25.10
CA LEU C 199 -0.28 14.36 -24.64
C LEU C 199 -0.30 12.91 -24.14
N LEU C 200 0.20 11.97 -24.95
CA LEU C 200 0.16 10.52 -24.65
C LEU C 200 1.02 10.24 -23.40
N LEU C 201 2.08 11.04 -23.17
CA LEU C 201 3.08 10.76 -22.11
C LEU C 201 2.62 11.37 -20.77
N ARG C 202 1.42 11.94 -20.71
CA ARG C 202 0.75 12.33 -19.44
C ARG C 202 -0.04 11.14 -18.89
N LEU C 203 -0.23 10.08 -19.69
CA LEU C 203 -1.08 8.92 -19.32
C LEU C 203 -0.40 8.08 -18.24
N PRO C 204 0.93 7.85 -18.27
CA PRO C 204 1.59 7.11 -17.18
C PRO C 204 1.36 7.76 -15.81
N ALA C 205 1.58 9.08 -15.73
CA ALA C 205 1.28 9.91 -14.52
C ALA C 205 -0.17 9.66 -14.09
N LEU C 206 -1.11 9.75 -15.03
CA LEU C 206 -2.56 9.52 -14.79
C LEU C 206 -2.76 8.14 -14.16
N ARG C 207 -1.98 7.16 -14.58
CA ARG C 207 -2.14 5.74 -14.16
C ARG C 207 -1.71 5.63 -12.69
N SER C 208 -0.54 6.16 -12.34
CA SER C 208 0.06 6.05 -10.99
C SER C 208 -0.76 6.87 -10.00
N ILE C 209 -1.08 8.13 -10.34
CA ILE C 209 -2.03 8.98 -9.57
C ILE C 209 -3.37 8.24 -9.43
N GLY C 210 -3.83 7.61 -10.52
CA GLY C 210 -4.97 6.69 -10.51
C GLY C 210 -4.91 5.73 -9.33
N LEU C 211 -3.84 4.93 -9.25
CA LEU C 211 -3.71 3.83 -8.27
C LEU C 211 -3.61 4.43 -6.85
N LYS C 212 -2.92 5.58 -6.72
CA LYS C 212 -2.70 6.25 -5.42
C LYS C 212 -4.04 6.81 -4.91
N CYS C 213 -4.94 7.20 -5.81
CA CYS C 213 -6.28 7.77 -5.46
C CYS C 213 -7.19 6.67 -4.91
N LEU C 214 -7.23 5.49 -5.55
CA LEU C 214 -7.82 4.26 -4.98
C LEU C 214 -7.25 4.01 -3.58
N GLU C 215 -5.93 3.90 -3.48
CA GLU C 215 -5.23 3.30 -2.30
C GLU C 215 -5.43 4.20 -1.07
N HIS C 216 -5.61 5.50 -1.28
CA HIS C 216 -5.75 6.53 -0.22
C HIS C 216 -7.23 6.91 -0.04
N LEU C 217 -8.12 6.34 -0.87
CA LEU C 217 -9.57 6.69 -0.95
C LEU C 217 -9.73 8.21 -1.18
N PHE C 218 -9.07 8.74 -2.22
CA PHE C 218 -8.84 10.19 -2.43
C PHE C 218 -10.18 10.92 -2.59
N PHE C 219 -11.07 10.39 -3.42
CA PHE C 219 -12.35 11.04 -3.83
C PHE C 219 -13.25 11.20 -2.60
N PHE C 220 -13.34 10.15 -1.79
CA PHE C 220 -14.35 10.04 -0.71
C PHE C 220 -13.87 10.83 0.51
N LYS C 221 -12.55 10.97 0.70
CA LYS C 221 -11.95 11.83 1.74
C LYS C 221 -12.17 13.31 1.39
N LEU C 222 -12.12 13.66 0.10
CA LEU C 222 -12.26 15.05 -0.39
C LEU C 222 -13.68 15.55 -0.12
N ILE C 223 -14.70 14.86 -0.64
CA ILE C 223 -16.12 15.30 -0.55
C ILE C 223 -16.66 14.91 0.83
N GLY C 224 -16.21 13.77 1.37
CA GLY C 224 -16.78 13.16 2.59
C GLY C 224 -16.18 13.72 3.86
N ASP C 225 -15.00 14.34 3.77
CA ASP C 225 -14.13 14.69 4.93
C ASP C 225 -14.98 15.44 5.97
N THR C 226 -15.31 16.70 5.70
CA THR C 226 -15.92 17.66 6.67
C THR C 226 -17.37 17.29 6.93
N PRO C 227 -18.16 16.91 5.90
CA PRO C 227 -19.51 16.38 6.12
C PRO C 227 -19.58 15.37 7.27
N ILE C 228 -18.60 14.46 7.36
CA ILE C 228 -18.48 13.43 8.43
C ILE C 228 -18.24 14.14 9.77
N ASP C 229 -17.18 14.96 9.83
CA ASP C 229 -16.80 15.77 11.02
C ASP C 229 -18.03 16.53 11.52
N THR C 230 -18.79 17.12 10.59
CA THR C 230 -20.02 17.93 10.84
C THR C 230 -21.11 17.01 11.41
N PHE C 231 -21.39 15.89 10.74
CA PHE C 231 -22.30 14.84 11.28
C PHE C 231 -21.91 14.53 12.72
N LEU C 232 -20.68 14.06 12.94
CA LEU C 232 -20.21 13.48 14.24
C LEU C 232 -20.46 14.50 15.35
N MET C 233 -20.24 15.77 15.07
CA MET C 233 -20.50 16.88 16.02
C MET C 233 -22.02 17.02 16.26
N GLU C 234 -22.81 15.99 15.90
CA GLU C 234 -24.08 15.58 16.57
C GLU C 234 -23.79 14.66 17.75
N MET C 235 -22.65 14.85 18.43
CA MET C 235 -22.41 14.33 19.79
C MET C 235 -22.28 15.52 20.74
N LEU C 236 -23.15 16.52 20.54
CA LEU C 236 -23.09 17.87 21.16
C LEU C 236 -24.51 18.33 21.45
N PRO D 12 14.60 -17.54 35.64
CA PRO D 12 13.17 -17.16 35.73
C PRO D 12 12.71 -16.32 34.54
N VAL D 13 12.74 -14.99 34.70
CA VAL D 13 12.78 -13.98 33.60
C VAL D 13 14.20 -13.39 33.56
N GLU D 14 15.17 -14.12 34.12
CA GLU D 14 16.63 -13.88 33.99
C GLU D 14 17.11 -14.37 32.62
N ARG D 15 16.45 -15.39 32.05
CA ARG D 15 16.87 -16.09 30.80
C ARG D 15 16.42 -15.29 29.57
N ILE D 16 15.40 -14.42 29.76
CA ILE D 16 14.86 -13.49 28.73
C ILE D 16 15.72 -12.23 28.69
N LEU D 17 15.99 -11.64 29.86
CA LEU D 17 16.94 -10.51 30.07
C LEU D 17 18.36 -10.95 29.71
N GLU D 18 18.74 -12.19 30.07
CA GLU D 18 20.06 -12.81 29.72
C GLU D 18 20.18 -12.90 28.19
N ALA D 19 19.10 -13.32 27.52
CA ALA D 19 18.99 -13.37 26.05
C ALA D 19 19.18 -11.97 25.48
N GLU D 20 18.52 -10.98 26.09
CA GLU D 20 18.45 -9.56 25.62
C GLU D 20 19.82 -8.87 25.81
N LEU D 21 20.61 -9.29 26.80
CA LEU D 21 21.88 -8.61 27.18
C LEU D 21 23.09 -9.34 26.57
N ALA D 22 22.87 -10.32 25.70
CA ALA D 22 23.78 -10.68 24.59
C ALA D 22 23.39 -9.92 23.32
N ASN D 43 31.85 -0.08 -3.84
CA ASN D 43 31.76 -1.32 -4.65
C ASN D 43 30.72 -2.26 -4.02
N ASP D 44 30.10 -3.14 -4.84
CA ASP D 44 29.01 -4.08 -4.46
C ASP D 44 28.09 -3.46 -3.39
N PRO D 45 27.14 -2.58 -3.77
CA PRO D 45 26.26 -1.88 -2.82
C PRO D 45 25.14 -2.76 -2.23
N VAL D 46 24.54 -3.62 -3.05
CA VAL D 46 23.43 -4.53 -2.64
C VAL D 46 24.01 -5.64 -1.76
N THR D 47 25.18 -6.19 -2.14
CA THR D 47 25.90 -7.24 -1.38
C THR D 47 26.17 -6.77 0.06
N ASN D 48 26.47 -5.48 0.24
CA ASN D 48 26.87 -4.93 1.56
C ASN D 48 25.61 -4.79 2.43
N ILE D 49 24.52 -4.29 1.84
CA ILE D 49 23.17 -4.23 2.50
C ILE D 49 22.79 -5.65 2.94
N CYS D 50 22.95 -6.64 2.05
CA CYS D 50 22.63 -8.07 2.27
C CYS D 50 23.48 -8.63 3.42
N GLN D 51 24.75 -8.26 3.51
CA GLN D 51 25.66 -8.63 4.63
C GLN D 51 25.11 -8.06 5.94
N ALA D 52 24.82 -6.76 5.98
CA ALA D 52 24.27 -6.07 7.17
C ALA D 52 23.00 -6.78 7.63
N ALA D 53 22.08 -7.05 6.68
CA ALA D 53 20.81 -7.78 6.90
C ALA D 53 21.10 -9.15 7.50
N ASP D 54 21.95 -9.94 6.82
CA ASP D 54 22.42 -11.29 7.25
C ASP D 54 22.86 -11.25 8.71
N LYS D 55 23.71 -10.27 9.08
CA LYS D 55 24.31 -10.13 10.42
C LYS D 55 23.21 -9.84 11.44
N GLN D 56 22.29 -8.95 11.07
CA GLN D 56 21.15 -8.48 11.91
C GLN D 56 20.22 -9.66 12.20
N LEU D 57 19.81 -10.38 11.15
CA LEU D 57 18.93 -11.57 11.24
C LEU D 57 19.58 -12.64 12.13
N PHE D 58 20.91 -12.79 12.04
CA PHE D 58 21.72 -13.78 12.79
C PHE D 58 21.69 -13.46 14.29
N THR D 59 22.03 -12.22 14.67
CA THR D 59 21.86 -11.69 16.04
C THR D 59 20.46 -12.03 16.55
N LEU D 60 19.45 -11.90 15.69
CA LEU D 60 18.03 -12.17 16.04
C LEU D 60 17.84 -13.66 16.34
N VAL D 61 18.47 -14.54 15.56
CA VAL D 61 18.41 -16.03 15.72
C VAL D 61 19.13 -16.42 17.03
N GLU D 62 20.34 -15.90 17.27
CA GLU D 62 21.13 -16.19 18.49
C GLU D 62 20.28 -15.84 19.72
N TRP D 63 19.61 -14.68 19.69
CA TRP D 63 18.70 -14.20 20.77
C TRP D 63 17.58 -15.22 20.99
N ALA D 64 16.88 -15.60 19.91
CA ALA D 64 15.72 -16.51 19.94
C ALA D 64 16.13 -17.85 20.55
N LYS D 65 17.32 -18.34 20.23
CA LYS D 65 17.86 -19.65 20.69
C LYS D 65 18.00 -19.64 22.21
N ARG D 66 18.24 -18.46 22.79
CA ARG D 66 18.47 -18.27 24.25
C ARG D 66 17.14 -18.00 24.98
N ILE D 67 16.04 -17.81 24.24
CA ILE D 67 14.65 -17.83 24.80
C ILE D 67 14.34 -19.27 25.19
N PRO D 68 13.97 -19.52 26.47
CA PRO D 68 13.62 -20.87 26.90
C PRO D 68 12.56 -21.50 26.00
N HIS D 69 12.83 -22.73 25.53
CA HIS D 69 11.85 -23.66 24.93
C HIS D 69 11.74 -23.41 23.42
N PHE D 70 12.27 -22.29 22.93
CA PHE D 70 12.20 -21.92 21.49
C PHE D 70 12.87 -23.01 20.65
N SER D 71 14.08 -23.42 21.04
CA SER D 71 14.93 -24.40 20.32
C SER D 71 14.34 -25.82 20.43
N GLU D 72 13.35 -26.00 21.31
CA GLU D 72 12.64 -27.30 21.53
C GLU D 72 11.42 -27.40 20.61
N LEU D 73 11.12 -26.34 19.85
CA LEU D 73 10.07 -26.33 18.80
C LEU D 73 10.60 -27.03 17.56
N PRO D 74 9.71 -27.60 16.71
CA PRO D 74 10.11 -28.02 15.36
C PRO D 74 10.91 -26.92 14.66
N LEU D 75 11.89 -27.29 13.84
CA LEU D 75 12.74 -26.33 13.09
C LEU D 75 11.86 -25.55 12.10
N ASP D 76 10.88 -26.20 11.47
CA ASP D 76 9.91 -25.55 10.54
C ASP D 76 9.21 -24.40 11.27
N ASP D 77 8.85 -24.64 12.53
CA ASP D 77 8.05 -23.69 13.35
C ASP D 77 8.94 -22.52 13.78
N GLN D 78 10.19 -22.81 14.15
CA GLN D 78 11.21 -21.81 14.52
C GLN D 78 11.39 -20.82 13.37
N VAL D 79 11.50 -21.36 12.14
CA VAL D 79 11.70 -20.57 10.89
C VAL D 79 10.47 -19.67 10.68
N ILE D 80 9.28 -20.24 10.81
CA ILE D 80 7.99 -19.52 10.63
C ILE D 80 7.90 -18.36 11.63
N LEU D 81 8.25 -18.59 12.90
CA LEU D 81 8.15 -17.55 13.97
C LEU D 81 9.12 -16.41 13.66
N LEU D 82 10.34 -16.70 13.20
CA LEU D 82 11.36 -15.67 12.87
C LEU D 82 10.96 -14.93 11.60
N ARG D 83 10.40 -15.64 10.61
CA ARG D 83 9.86 -15.05 9.35
C ARG D 83 8.69 -14.10 9.68
N ALA D 84 7.82 -14.53 10.59
CA ALA D 84 6.61 -13.78 11.01
C ALA D 84 7.02 -12.57 11.88
N GLY D 85 8.18 -12.64 12.53
CA GLY D 85 8.48 -11.84 13.73
C GLY D 85 9.60 -10.82 13.51
N TRP D 86 10.47 -11.03 12.52
CA TRP D 86 11.81 -10.39 12.43
C TRP D 86 11.64 -8.86 12.40
N ASN D 87 10.60 -8.38 11.74
CA ASN D 87 10.38 -6.94 11.47
C ASN D 87 10.06 -6.27 12.81
N GLU D 88 9.06 -6.78 13.54
CA GLU D 88 8.60 -6.22 14.84
C GLU D 88 9.71 -6.39 15.89
N LEU D 89 10.42 -7.52 15.86
CA LEU D 89 11.51 -7.83 16.82
C LEU D 89 12.62 -6.79 16.68
N LEU D 90 13.03 -6.51 15.44
CA LEU D 90 14.12 -5.54 15.12
C LEU D 90 13.71 -4.14 15.60
N ILE D 91 12.50 -3.70 15.21
CA ILE D 91 11.95 -2.36 15.55
C ILE D 91 11.89 -2.18 17.06
N ALA D 92 11.43 -3.21 17.79
CA ALA D 92 11.38 -3.23 19.26
C ALA D 92 12.78 -2.99 19.84
N SER D 93 13.79 -3.71 19.35
CA SER D 93 15.22 -3.57 19.76
C SER D 93 15.66 -2.11 19.61
N PHE D 94 15.59 -1.56 18.39
CA PHE D 94 16.27 -0.28 18.04
C PHE D 94 15.46 0.88 18.64
N SER D 95 14.13 0.76 18.68
CA SER D 95 13.23 1.68 19.41
C SER D 95 13.74 1.86 20.84
N HIS D 96 14.01 0.75 21.53
CA HIS D 96 14.41 0.73 22.97
C HIS D 96 15.80 1.30 23.11
N ARG D 97 16.73 0.89 22.23
CA ARG D 97 18.12 1.41 22.17
C ARG D 97 18.07 2.94 22.03
N SER D 98 17.06 3.47 21.35
CA SER D 98 16.95 4.89 20.94
C SER D 98 16.39 5.75 22.07
N ILE D 99 16.15 5.15 23.25
CA ILE D 99 15.74 5.88 24.49
C ILE D 99 16.83 6.91 24.84
N ALA D 100 18.09 6.58 24.54
CA ALA D 100 19.30 7.31 24.97
C ALA D 100 19.69 8.37 23.92
N VAL D 101 18.72 8.81 23.11
CA VAL D 101 18.95 9.63 21.88
C VAL D 101 17.72 10.52 21.65
N LYS D 102 17.92 11.73 21.11
CA LYS D 102 16.83 12.69 20.76
C LYS D 102 16.63 12.69 19.23
N ASP D 103 15.37 12.68 18.79
CA ASP D 103 14.94 12.75 17.36
C ASP D 103 15.93 11.96 16.48
N GLY D 104 16.24 10.74 16.93
CA GLY D 104 17.04 9.75 16.20
C GLY D 104 16.71 8.33 16.65
N ILE D 105 17.22 7.33 15.92
CA ILE D 105 17.25 5.91 16.35
C ILE D 105 18.69 5.39 16.23
N LEU D 106 19.11 4.54 17.18
CA LEU D 106 20.40 3.82 17.16
C LEU D 106 20.20 2.41 16.59
N LEU D 107 20.96 2.04 15.54
CA LEU D 107 21.05 0.68 14.97
C LEU D 107 22.35 0.03 15.48
N GLY D 110 25.51 0.26 15.25
CA GLY D 110 26.13 1.38 15.98
C GLY D 110 25.84 2.74 15.35
N LEU D 111 25.24 2.74 14.16
CA LEU D 111 25.09 3.95 13.29
C LEU D 111 23.82 4.71 13.68
N HIS D 112 23.98 5.85 14.38
CA HIS D 112 22.90 6.81 14.72
C HIS D 112 22.32 7.44 13.43
N VAL D 113 21.00 7.42 13.29
CA VAL D 113 20.26 7.96 12.11
C VAL D 113 19.26 9.02 12.62
N HIS D 114 19.51 10.29 12.29
CA HIS D 114 18.67 11.45 12.67
C HIS D 114 17.46 11.54 11.73
N ARG D 115 16.37 12.16 12.17
CA ARG D 115 15.06 12.13 11.48
C ARG D 115 15.15 12.94 10.18
N ASN D 116 16.09 13.89 10.10
CA ASN D 116 16.43 14.65 8.86
C ASN D 116 16.77 13.68 7.74
N SER D 117 17.67 12.71 8.02
CA SER D 117 18.12 11.66 7.08
C SER D 117 16.93 10.78 6.68
N ALA D 118 16.07 10.44 7.64
CA ALA D 118 14.90 9.56 7.45
C ALA D 118 13.89 10.21 6.49
N HIS D 119 13.61 11.50 6.70
CA HIS D 119 12.68 12.32 5.86
C HIS D 119 13.29 12.48 4.46
N SER D 120 14.63 12.54 4.37
CA SER D 120 15.40 12.68 3.10
C SER D 120 15.35 11.39 2.29
N ALA D 121 15.23 10.24 2.95
CA ALA D 121 15.21 8.89 2.32
C ALA D 121 13.75 8.47 2.08
N GLY D 122 12.80 9.38 2.29
CA GLY D 122 11.39 9.25 1.87
C GLY D 122 10.61 8.33 2.80
N VAL D 123 11.07 8.21 4.06
CA VAL D 123 10.44 7.35 5.10
C VAL D 123 10.29 8.19 6.38
N GLY D 124 9.99 9.48 6.23
CA GLY D 124 9.83 10.44 7.35
C GLY D 124 8.64 10.08 8.23
N ALA D 125 7.50 9.78 7.61
CA ALA D 125 6.23 9.41 8.29
C ALA D 125 6.50 8.27 9.29
N ILE D 126 7.07 7.17 8.79
CA ILE D 126 7.25 5.91 9.54
C ILE D 126 8.23 6.15 10.70
N PHE D 127 9.29 6.91 10.45
CA PHE D 127 10.33 7.28 11.44
C PHE D 127 9.70 8.02 12.63
N ASP D 128 8.81 8.97 12.34
CA ASP D 128 8.17 9.85 13.36
C ASP D 128 7.24 8.99 14.24
N ARG D 129 6.57 8.01 13.63
CA ARG D 129 5.70 7.03 14.33
C ARG D 129 6.56 6.19 15.29
N VAL D 130 7.72 5.70 14.84
CA VAL D 130 8.68 4.95 15.69
C VAL D 130 8.97 5.81 16.93
N LEU D 131 9.23 7.10 16.73
CA LEU D 131 9.64 8.05 17.79
C LEU D 131 8.49 8.27 18.79
N THR D 132 7.31 8.62 18.29
CA THR D 132 6.13 9.06 19.09
C THR D 132 5.49 7.83 19.75
N GLU D 133 5.26 6.76 18.99
CA GLU D 133 4.39 5.61 19.40
C GLU D 133 5.21 4.60 20.22
N LEU D 134 6.52 4.49 19.96
CA LEU D 134 7.38 3.48 20.62
C LEU D 134 8.43 4.16 21.50
N VAL D 135 9.38 4.88 20.91
CA VAL D 135 10.62 5.32 21.62
C VAL D 135 10.21 6.16 22.83
N SER D 136 9.40 7.20 22.62
CA SER D 136 9.01 8.18 23.68
C SER D 136 8.17 7.47 24.74
N LYS D 137 7.26 6.59 24.33
CA LYS D 137 6.37 5.82 25.26
C LYS D 137 7.26 4.94 26.16
N MET D 138 8.26 4.28 25.57
CA MET D 138 9.26 3.45 26.28
C MET D 138 10.06 4.34 27.25
N ARG D 139 10.48 5.52 26.81
CA ARG D 139 11.22 6.49 27.66
C ARG D 139 10.32 6.91 28.84
N ASP D 140 9.10 7.40 28.53
CA ASP D 140 8.19 8.04 29.51
C ASP D 140 7.95 7.10 30.69
N MET D 141 7.81 5.80 30.43
CA MET D 141 7.46 4.76 31.45
C MET D 141 8.72 4.00 31.86
N GLN D 142 9.89 4.45 31.39
CA GLN D 142 11.22 3.86 31.70
C GLN D 142 11.12 2.33 31.58
N MET D 143 10.66 1.84 30.42
CA MET D 143 10.66 0.38 30.11
C MET D 143 12.09 -0.15 30.25
N ASP D 144 12.30 -1.15 31.12
CA ASP D 144 13.62 -1.78 31.35
C ASP D 144 13.78 -2.94 30.35
N LYS D 145 14.97 -3.56 30.36
CA LYS D 145 15.42 -4.49 29.28
C LYS D 145 14.78 -5.87 29.50
N THR D 146 14.42 -6.21 30.73
CA THR D 146 13.68 -7.46 31.07
C THR D 146 12.30 -7.40 30.41
N GLU D 147 11.67 -6.23 30.50
CA GLU D 147 10.29 -5.95 30.00
C GLU D 147 10.30 -5.97 28.47
N LEU D 148 11.30 -5.34 27.84
CA LEU D 148 11.52 -5.41 26.38
C LEU D 148 11.67 -6.87 25.97
N GLY D 149 12.52 -7.62 26.68
CA GLY D 149 12.81 -9.03 26.39
C GLY D 149 11.53 -9.83 26.31
N CYS D 150 10.64 -9.64 27.30
CA CYS D 150 9.39 -10.39 27.49
C CYS D 150 8.41 -10.06 26.36
N LEU D 151 8.29 -8.77 26.01
CA LEU D 151 7.46 -8.30 24.87
C LEU D 151 7.96 -8.95 23.57
N ARG D 152 9.28 -8.91 23.34
CA ARG D 152 9.90 -9.47 22.12
C ARG D 152 9.60 -10.97 22.09
N ALA D 153 9.63 -11.62 23.25
CA ALA D 153 9.41 -13.08 23.41
C ALA D 153 7.95 -13.40 23.13
N ILE D 154 7.03 -12.52 23.54
CA ILE D 154 5.58 -12.61 23.22
C ILE D 154 5.41 -12.48 21.70
N VAL D 155 6.06 -11.48 21.08
CA VAL D 155 6.00 -11.24 19.61
C VAL D 155 6.51 -12.49 18.88
N LEU D 156 7.70 -12.96 19.24
CA LEU D 156 8.33 -14.20 18.70
C LEU D 156 7.34 -15.37 18.79
N PHE D 157 6.82 -15.66 19.98
CA PHE D 157 5.85 -16.77 20.23
C PHE D 157 4.45 -16.31 19.78
N ASN D 158 4.30 -16.08 18.47
CA ASN D 158 3.05 -15.62 17.84
C ASN D 158 2.31 -16.82 17.26
N PRO D 159 1.27 -17.33 17.93
CA PRO D 159 0.55 -18.52 17.47
C PRO D 159 -0.34 -18.25 16.24
N ASP D 160 -0.39 -17.00 15.78
CA ASP D 160 -1.19 -16.57 14.60
C ASP D 160 -0.37 -16.76 13.31
N SER D 161 0.93 -17.00 13.46
CA SER D 161 1.87 -17.28 12.34
C SER D 161 1.31 -18.43 11.50
N LYS D 162 1.29 -18.24 10.18
CA LYS D 162 0.67 -19.17 9.20
C LYS D 162 1.61 -20.37 9.02
N GLY D 163 1.09 -21.59 9.12
CA GLY D 163 1.81 -22.83 8.75
C GLY D 163 2.41 -23.52 9.96
N LEU D 164 2.31 -22.91 11.15
CA LEU D 164 2.79 -23.51 12.42
C LEU D 164 2.24 -24.94 12.54
N SER D 165 3.11 -25.91 12.81
CA SER D 165 2.76 -27.34 13.01
C SER D 165 1.91 -27.51 14.27
N ASN D 166 2.29 -26.82 15.36
CA ASN D 166 1.53 -26.87 16.64
C ASN D 166 1.40 -25.46 17.19
N PRO D 167 0.41 -24.67 16.71
CA PRO D 167 0.18 -23.32 17.23
C PRO D 167 -0.19 -23.33 18.73
N ALA D 168 -0.86 -24.40 19.19
CA ALA D 168 -1.25 -24.59 20.60
C ALA D 168 -0.01 -24.52 21.49
N GLU D 169 1.11 -25.09 21.05
CA GLU D 169 2.39 -25.13 21.80
C GLU D 169 2.97 -23.72 21.88
N VAL D 170 2.95 -22.98 20.77
CA VAL D 170 3.45 -21.57 20.67
C VAL D 170 2.61 -20.70 21.61
N GLU D 171 1.28 -20.81 21.53
CA GLU D 171 0.34 -20.10 22.43
C GLU D 171 0.73 -20.40 23.90
N ALA D 172 0.99 -21.67 24.21
CA ALA D 172 1.35 -22.14 25.57
C ALA D 172 2.64 -21.46 26.06
N LEU D 173 3.63 -21.28 25.18
CA LEU D 173 4.93 -20.65 25.49
C LEU D 173 4.73 -19.13 25.69
N ARG D 174 3.82 -18.53 24.92
CA ARG D 174 3.48 -17.10 25.02
C ARG D 174 2.80 -16.83 26.38
N GLU D 175 1.89 -17.72 26.79
CA GLU D 175 1.20 -17.68 28.11
C GLU D 175 2.25 -17.68 29.22
N LYS D 176 3.24 -18.57 29.13
CA LYS D 176 4.36 -18.68 30.11
C LYS D 176 5.08 -17.34 30.18
N VAL D 177 5.39 -16.75 29.03
CA VAL D 177 6.19 -15.49 28.94
C VAL D 177 5.41 -14.37 29.65
N TYR D 178 4.14 -14.15 29.28
CA TYR D 178 3.38 -12.96 29.73
C TYR D 178 2.90 -13.14 31.17
N ALA D 179 2.66 -14.39 31.60
CA ALA D 179 2.44 -14.76 33.03
C ALA D 179 3.68 -14.35 33.84
N SER D 180 4.86 -14.65 33.30
CA SER D 180 6.17 -14.36 33.94
C SER D 180 6.40 -12.85 33.99
N LEU D 181 6.03 -12.13 32.93
CA LEU D 181 6.19 -10.64 32.84
C LEU D 181 5.32 -9.96 33.90
N GLU D 182 4.05 -10.38 34.03
CA GLU D 182 3.09 -9.85 35.04
C GLU D 182 3.69 -10.01 36.44
N ALA D 183 4.19 -11.21 36.76
CA ALA D 183 4.95 -11.50 38.00
C ALA D 183 6.05 -10.46 38.20
N TYR D 184 6.91 -10.26 37.20
CA TYR D 184 8.08 -9.33 37.26
C TYR D 184 7.58 -7.92 37.55
N CYS D 185 6.54 -7.47 36.83
CA CYS D 185 5.99 -6.10 36.88
C CYS D 185 5.38 -5.84 38.27
N LYS D 186 4.60 -6.81 38.77
CA LYS D 186 3.89 -6.72 40.07
C LYS D 186 4.92 -6.58 41.21
N HIS D 187 6.10 -7.18 41.04
CA HIS D 187 7.18 -7.24 42.07
C HIS D 187 8.05 -5.99 41.98
N LYS D 188 8.50 -5.60 40.78
CA LYS D 188 9.48 -4.50 40.61
C LYS D 188 8.77 -3.15 40.63
N TYR D 189 7.49 -3.10 40.28
CA TYR D 189 6.69 -1.87 40.15
C TYR D 189 5.31 -2.06 40.78
N PRO D 190 5.23 -2.52 42.06
CA PRO D 190 3.95 -2.74 42.72
C PRO D 190 3.11 -1.45 42.81
N GLU D 191 3.79 -0.30 42.86
CA GLU D 191 3.18 1.06 42.87
C GLU D 191 2.47 1.33 41.53
N GLN D 192 2.84 0.59 40.46
CA GLN D 192 2.30 0.80 39.09
C GLN D 192 1.45 -0.41 38.69
N PRO D 193 0.24 -0.57 39.26
CA PRO D 193 -0.55 -1.79 39.07
C PRO D 193 -0.97 -2.02 37.62
N GLY D 194 -0.96 -0.95 36.81
CA GLY D 194 -1.41 -1.00 35.39
C GLY D 194 -0.26 -1.17 34.42
N ARG D 195 0.97 -1.33 34.92
CA ARG D 195 2.21 -1.29 34.10
C ARG D 195 2.23 -2.47 33.11
N PHE D 196 1.78 -3.65 33.53
CA PHE D 196 1.70 -4.88 32.70
C PHE D 196 0.88 -4.61 31.44
N ALA D 197 -0.36 -4.13 31.61
CA ALA D 197 -1.30 -3.84 30.50
C ALA D 197 -0.66 -2.80 29.56
N LYS D 198 -0.08 -1.75 30.14
CA LYS D 198 0.55 -0.63 29.40
C LYS D 198 1.64 -1.17 28.47
N LEU D 199 2.46 -2.12 28.97
CA LEU D 199 3.50 -2.84 28.19
C LEU D 199 2.83 -3.56 27.02
N LEU D 200 1.79 -4.35 27.29
CA LEU D 200 1.09 -5.18 26.27
C LEU D 200 0.43 -4.27 25.23
N LEU D 201 0.04 -3.05 25.60
CA LEU D 201 -0.77 -2.15 24.74
C LEU D 201 0.14 -1.29 23.85
N ARG D 202 1.45 -1.53 23.90
CA ARG D 202 2.43 -1.00 22.92
C ARG D 202 2.53 -1.95 21.72
N LEU D 203 1.99 -3.16 21.83
CA LEU D 203 2.13 -4.22 20.80
C LEU D 203 1.31 -3.86 19.55
N PRO D 204 0.08 -3.31 19.68
CA PRO D 204 -0.67 -2.86 18.50
C PRO D 204 0.12 -1.85 17.64
N ALA D 205 0.69 -0.83 18.28
CA ALA D 205 1.58 0.16 17.65
C ALA D 205 2.72 -0.56 16.93
N LEU D 206 3.36 -1.52 17.60
CA LEU D 206 4.48 -2.34 17.04
C LEU D 206 3.99 -3.03 15.77
N ARG D 207 2.74 -3.50 15.77
CA ARG D 207 2.14 -4.28 14.66
C ARG D 207 2.00 -3.36 13.44
N SER D 208 1.39 -2.19 13.62
CA SER D 208 1.04 -1.26 12.51
C SER D 208 2.31 -0.67 11.93
N ILE D 209 3.21 -0.17 12.78
CA ILE D 209 4.58 0.28 12.40
C ILE D 209 5.29 -0.88 11.69
N GLY D 210 5.15 -2.09 12.23
CA GLY D 210 5.60 -3.34 11.57
C GLY D 210 5.19 -3.36 10.12
N LEU D 211 3.90 -3.30 9.82
CA LEU D 211 3.35 -3.48 8.46
C LEU D 211 3.81 -2.31 7.56
N LYS D 212 3.89 -1.11 8.13
CA LYS D 212 4.30 0.12 7.40
C LYS D 212 5.78 0.02 6.99
N CYS D 213 6.59 -0.65 7.81
CA CYS D 213 8.05 -0.84 7.59
C CYS D 213 8.28 -1.81 6.43
N LEU D 214 7.56 -2.94 6.40
CA LEU D 214 7.48 -3.84 5.23
C LEU D 214 7.10 -3.02 3.98
N GLU D 215 5.98 -2.31 4.04
CA GLU D 215 5.28 -1.74 2.85
C GLU D 215 6.16 -0.67 2.20
N HIS D 216 7.00 0.01 3.00
CA HIS D 216 7.88 1.12 2.58
C HIS D 216 9.33 0.62 2.37
N LEU D 217 9.59 -0.65 2.67
CA LEU D 217 10.96 -1.25 2.76
C LEU D 217 11.85 -0.40 3.67
N PHE D 218 11.41 -0.17 4.91
CA PHE D 218 11.98 0.85 5.84
C PHE D 218 13.45 0.56 6.12
N PHE D 219 13.76 -0.70 6.46
CA PHE D 219 15.10 -1.14 6.93
C PHE D 219 16.13 -0.95 5.81
N PHE D 220 15.76 -1.34 4.59
CA PHE D 220 16.71 -1.49 3.46
C PHE D 220 16.96 -0.11 2.85
N LYS D 221 15.98 0.80 2.93
CA LYS D 221 16.14 2.21 2.50
C LYS D 221 17.06 2.95 3.47
N LEU D 222 16.98 2.63 4.77
CA LEU D 222 17.78 3.30 5.83
C LEU D 222 19.26 2.96 5.65
N ILE D 223 19.59 1.66 5.66
CA ILE D 223 20.98 1.15 5.64
C ILE D 223 21.50 1.20 4.20
N GLY D 224 20.61 0.99 3.22
CA GLY D 224 20.95 0.86 1.79
C GLY D 224 21.02 2.21 1.11
N ASP D 225 20.40 3.21 1.72
CA ASP D 225 20.16 4.57 1.16
C ASP D 225 21.47 5.10 0.56
N THR D 226 22.41 5.51 1.41
CA THR D 226 23.62 6.29 1.03
C THR D 226 24.61 5.40 0.31
N PRO D 227 24.83 4.14 0.77
CA PRO D 227 25.66 3.19 0.03
C PRO D 227 25.37 3.20 -1.48
N ILE D 228 24.08 3.20 -1.84
CA ILE D 228 23.58 3.24 -3.24
C ILE D 228 23.99 4.57 -3.88
N ASP D 229 23.59 5.69 -3.26
CA ASP D 229 23.92 7.07 -3.71
C ASP D 229 25.43 7.16 -3.95
N THR D 230 26.23 6.60 -3.03
CA THR D 230 27.72 6.61 -3.06
C THR D 230 28.20 5.80 -4.27
N PHE D 231 27.71 4.56 -4.40
CA PHE D 231 27.97 3.72 -5.59
C PHE D 231 27.69 4.52 -6.86
N LEU D 232 26.44 4.97 -7.03
CA LEU D 232 25.93 5.59 -8.28
C LEU D 232 26.84 6.76 -8.68
N MET D 233 27.30 7.53 -7.70
CA MET D 233 28.25 8.66 -7.92
C MET D 233 29.60 8.13 -8.42
N GLU D 234 29.66 6.86 -8.86
CA GLU D 234 30.65 6.33 -9.84
C GLU D 234 30.22 6.70 -11.26
N MET D 235 29.89 7.96 -11.50
CA MET D 235 29.87 8.58 -12.86
C MET D 235 31.00 9.60 -12.93
N LEU D 236 32.19 9.15 -13.38
CA LEU D 236 33.23 9.97 -14.05
C LEU D 236 34.24 9.02 -14.71
#